data_2ZEQ
# 
_entry.id   2ZEQ 
# 
_audit_conform.dict_name       mmcif_pdbx.dic 
_audit_conform.dict_version    5.388 
_audit_conform.dict_location   http://mmcif.pdb.org/dictionaries/ascii/mmcif_pdbx.dic 
# 
loop_
_database_2.database_id 
_database_2.database_code 
_database_2.pdbx_database_accession 
_database_2.pdbx_DOI 
PDB   2ZEQ         pdb_00002zeq 10.2210/pdb2zeq/pdb 
RCSB  RCSB027878   ?            ?                   
WWPDB D_1000027878 ?            ?                   
# 
loop_
_pdbx_audit_revision_history.ordinal 
_pdbx_audit_revision_history.data_content_type 
_pdbx_audit_revision_history.major_revision 
_pdbx_audit_revision_history.minor_revision 
_pdbx_audit_revision_history.revision_date 
1 'Structure model' 1 0 2008-08-19 
2 'Structure model' 1 1 2011-07-13 
3 'Structure model' 1 2 2024-03-13 
# 
_pdbx_audit_revision_details.ordinal             1 
_pdbx_audit_revision_details.revision_ordinal    1 
_pdbx_audit_revision_details.data_content_type   'Structure model' 
_pdbx_audit_revision_details.provider            repository 
_pdbx_audit_revision_details.type                'Initial release' 
_pdbx_audit_revision_details.description         ? 
_pdbx_audit_revision_details.details             ? 
# 
loop_
_pdbx_audit_revision_group.ordinal 
_pdbx_audit_revision_group.revision_ordinal 
_pdbx_audit_revision_group.data_content_type 
_pdbx_audit_revision_group.group 
1 2 'Structure model' 'Version format compliance' 
2 3 'Structure model' 'Data collection'           
3 3 'Structure model' 'Database references'       
# 
loop_
_pdbx_audit_revision_category.ordinal 
_pdbx_audit_revision_category.revision_ordinal 
_pdbx_audit_revision_category.data_content_type 
_pdbx_audit_revision_category.category 
1 3 'Structure model' chem_comp_atom     
2 3 'Structure model' chem_comp_bond     
3 3 'Structure model' database_2         
4 3 'Structure model' struct_ref_seq_dif 
# 
loop_
_pdbx_audit_revision_item.ordinal 
_pdbx_audit_revision_item.revision_ordinal 
_pdbx_audit_revision_item.data_content_type 
_pdbx_audit_revision_item.item 
1 3 'Structure model' '_database_2.pdbx_DOI'                
2 3 'Structure model' '_database_2.pdbx_database_accession' 
3 3 'Structure model' '_struct_ref_seq_dif.details'         
# 
_pdbx_database_status.status_code                     REL 
_pdbx_database_status.entry_id                        2ZEQ 
_pdbx_database_status.recvd_initial_deposition_date   2007-12-14 
_pdbx_database_status.deposit_site                    PDBJ 
_pdbx_database_status.process_site                    PDBJ 
_pdbx_database_status.status_code_sf                  REL 
_pdbx_database_status.status_code_mr                  ? 
_pdbx_database_status.SG_entry                        ? 
_pdbx_database_status.pdb_format_compatible           Y 
_pdbx_database_status.status_code_cs                  ? 
_pdbx_database_status.status_code_nmr_data            ? 
_pdbx_database_status.methods_development_category    ? 
# 
_audit_author.name           'Tomoo, K.' 
_audit_author.pdbx_ordinal   1 
# 
_citation.id                        primary 
_citation.title                     'Crystal structure and molecular dynamics simulation of ubiquitin-like domain of murine parkin' 
_citation.journal_abbrev            Biochim.Biophys.Acta 
_citation.journal_volume            1784 
_citation.page_first                1059 
_citation.page_last                 1067 
_citation.year                      2008 
_citation.journal_id_ASTM           BBACAQ 
_citation.country                   NE 
_citation.journal_id_ISSN           0006-3002 
_citation.journal_id_CSD            0113 
_citation.book_publisher            ? 
_citation.pdbx_database_id_PubMed   18485927 
_citation.pdbx_database_id_DOI      10.1016/j.bbapap.2008.04.009 
# 
loop_
_citation_author.citation_id 
_citation_author.name 
_citation_author.ordinal 
_citation_author.identifier_ORCID 
primary 'Tomoo, K.'    1 ? 
primary 'Mukai, Y.'    2 ? 
primary 'In, Y.'       3 ? 
primary 'Miyagawa, H.' 4 ? 
primary 'Kitamura, K.' 5 ? 
primary 'Yamano, A.'   6 ? 
primary 'Shindo, H.'   7 ? 
primary 'Ishida, T.'   8 ? 
# 
loop_
_entity.id 
_entity.type 
_entity.src_method 
_entity.pdbx_description 
_entity.formula_weight 
_entity.pdbx_number_of_molecules 
_entity.pdbx_ec 
_entity.pdbx_mutation 
_entity.pdbx_fragment 
_entity.details 
1 polymer man 'E3 ubiquitin-protein ligase parkin' 8918.294 1  6.3.2.- ? 'Ubiquitin-like domain' ? 
2 water   nat water                                18.015   44 ?       ? ?                       ? 
# 
_entity_poly.entity_id                      1 
_entity_poly.type                           'polypeptide(L)' 
_entity_poly.nstd_linkage                   no 
_entity_poly.nstd_monomer                   no 
_entity_poly.pdbx_seq_one_letter_code       MGMIVFVRFNSSYGFPVEVDSDTSILQLKEVVAKRQGVPADQLRVIFAGKELPNHLTVQNCDLEQQSIVHIVQRPRRR 
_entity_poly.pdbx_seq_one_letter_code_can   MGMIVFVRFNSSYGFPVEVDSDTSILQLKEVVAKRQGVPADQLRVIFAGKELPNHLTVQNCDLEQQSIVHIVQRPRRR 
_entity_poly.pdbx_strand_id                 A 
_entity_poly.pdbx_target_identifier         ? 
# 
_pdbx_entity_nonpoly.entity_id   2 
_pdbx_entity_nonpoly.name        water 
_pdbx_entity_nonpoly.comp_id     HOH 
# 
loop_
_entity_poly_seq.entity_id 
_entity_poly_seq.num 
_entity_poly_seq.mon_id 
_entity_poly_seq.hetero 
1 1  MET n 
1 2  GLY n 
1 3  MET n 
1 4  ILE n 
1 5  VAL n 
1 6  PHE n 
1 7  VAL n 
1 8  ARG n 
1 9  PHE n 
1 10 ASN n 
1 11 SER n 
1 12 SER n 
1 13 TYR n 
1 14 GLY n 
1 15 PHE n 
1 16 PRO n 
1 17 VAL n 
1 18 GLU n 
1 19 VAL n 
1 20 ASP n 
1 21 SER n 
1 22 ASP n 
1 23 THR n 
1 24 SER n 
1 25 ILE n 
1 26 LEU n 
1 27 GLN n 
1 28 LEU n 
1 29 LYS n 
1 30 GLU n 
1 31 VAL n 
1 32 VAL n 
1 33 ALA n 
1 34 LYS n 
1 35 ARG n 
1 36 GLN n 
1 37 GLY n 
1 38 VAL n 
1 39 PRO n 
1 40 ALA n 
1 41 ASP n 
1 42 GLN n 
1 43 LEU n 
1 44 ARG n 
1 45 VAL n 
1 46 ILE n 
1 47 PHE n 
1 48 ALA n 
1 49 GLY n 
1 50 LYS n 
1 51 GLU n 
1 52 LEU n 
1 53 PRO n 
1 54 ASN n 
1 55 HIS n 
1 56 LEU n 
1 57 THR n 
1 58 VAL n 
1 59 GLN n 
1 60 ASN n 
1 61 CYS n 
1 62 ASP n 
1 63 LEU n 
1 64 GLU n 
1 65 GLN n 
1 66 GLN n 
1 67 SER n 
1 68 ILE n 
1 69 VAL n 
1 70 HIS n 
1 71 ILE n 
1 72 VAL n 
1 73 GLN n 
1 74 ARG n 
1 75 PRO n 
1 76 ARG n 
1 77 ARG n 
1 78 ARG n 
# 
_entity_src_gen.entity_id                          1 
_entity_src_gen.pdbx_src_id                        1 
_entity_src_gen.pdbx_alt_source_flag               sample 
_entity_src_gen.pdbx_seq_type                      ? 
_entity_src_gen.pdbx_beg_seq_num                   ? 
_entity_src_gen.pdbx_end_seq_num                   ? 
_entity_src_gen.gene_src_common_name               Mouse 
_entity_src_gen.gene_src_genus                     ? 
_entity_src_gen.pdbx_gene_src_gene                 ? 
_entity_src_gen.gene_src_species                   ? 
_entity_src_gen.gene_src_strain                    ? 
_entity_src_gen.gene_src_tissue                    ? 
_entity_src_gen.gene_src_tissue_fraction           ? 
_entity_src_gen.gene_src_details                   ? 
_entity_src_gen.pdbx_gene_src_fragment             ? 
_entity_src_gen.pdbx_gene_src_scientific_name      'Mus musculus' 
_entity_src_gen.pdbx_gene_src_ncbi_taxonomy_id     10090 
_entity_src_gen.pdbx_gene_src_variant              ? 
_entity_src_gen.pdbx_gene_src_cell_line            ? 
_entity_src_gen.pdbx_gene_src_atcc                 ? 
_entity_src_gen.pdbx_gene_src_organ                ? 
_entity_src_gen.pdbx_gene_src_organelle            ? 
_entity_src_gen.pdbx_gene_src_cell                 ? 
_entity_src_gen.pdbx_gene_src_cellular_location    ? 
_entity_src_gen.host_org_common_name               ? 
_entity_src_gen.pdbx_host_org_scientific_name      'Escherichia coli' 
_entity_src_gen.pdbx_host_org_ncbi_taxonomy_id     562 
_entity_src_gen.host_org_genus                     ? 
_entity_src_gen.pdbx_host_org_gene                 ? 
_entity_src_gen.pdbx_host_org_organ                ? 
_entity_src_gen.host_org_species                   ? 
_entity_src_gen.pdbx_host_org_tissue               ? 
_entity_src_gen.pdbx_host_org_tissue_fraction      ? 
_entity_src_gen.pdbx_host_org_strain               ? 
_entity_src_gen.pdbx_host_org_variant              ? 
_entity_src_gen.pdbx_host_org_cell_line            ? 
_entity_src_gen.pdbx_host_org_atcc                 ? 
_entity_src_gen.pdbx_host_org_culture_collection   ? 
_entity_src_gen.pdbx_host_org_cell                 ? 
_entity_src_gen.pdbx_host_org_organelle            ? 
_entity_src_gen.pdbx_host_org_cellular_location    ? 
_entity_src_gen.pdbx_host_org_vector_type          plasmid 
_entity_src_gen.pdbx_host_org_vector               ? 
_entity_src_gen.host_org_details                   ? 
_entity_src_gen.expression_system_id               ? 
_entity_src_gen.plasmid_name                       pET28b 
_entity_src_gen.plasmid_details                    ? 
_entity_src_gen.pdbx_description                   ? 
# 
loop_
_chem_comp.id 
_chem_comp.type 
_chem_comp.mon_nstd_flag 
_chem_comp.name 
_chem_comp.pdbx_synonyms 
_chem_comp.formula 
_chem_comp.formula_weight 
ALA 'L-peptide linking' y ALANINE         ? 'C3 H7 N O2'     89.093  
ARG 'L-peptide linking' y ARGININE        ? 'C6 H15 N4 O2 1' 175.209 
ASN 'L-peptide linking' y ASPARAGINE      ? 'C4 H8 N2 O3'    132.118 
ASP 'L-peptide linking' y 'ASPARTIC ACID' ? 'C4 H7 N O4'     133.103 
CYS 'L-peptide linking' y CYSTEINE        ? 'C3 H7 N O2 S'   121.158 
GLN 'L-peptide linking' y GLUTAMINE       ? 'C5 H10 N2 O3'   146.144 
GLU 'L-peptide linking' y 'GLUTAMIC ACID' ? 'C5 H9 N O4'     147.129 
GLY 'peptide linking'   y GLYCINE         ? 'C2 H5 N O2'     75.067  
HIS 'L-peptide linking' y HISTIDINE       ? 'C6 H10 N3 O2 1' 156.162 
HOH non-polymer         . WATER           ? 'H2 O'           18.015  
ILE 'L-peptide linking' y ISOLEUCINE      ? 'C6 H13 N O2'    131.173 
LEU 'L-peptide linking' y LEUCINE         ? 'C6 H13 N O2'    131.173 
LYS 'L-peptide linking' y LYSINE          ? 'C6 H15 N2 O2 1' 147.195 
MET 'L-peptide linking' y METHIONINE      ? 'C5 H11 N O2 S'  149.211 
PHE 'L-peptide linking' y PHENYLALANINE   ? 'C9 H11 N O2'    165.189 
PRO 'L-peptide linking' y PROLINE         ? 'C5 H9 N O2'     115.130 
SER 'L-peptide linking' y SERINE          ? 'C3 H7 N O3'     105.093 
THR 'L-peptide linking' y THREONINE       ? 'C4 H9 N O3'     119.119 
TYR 'L-peptide linking' y TYROSINE        ? 'C9 H11 N O3'    181.189 
VAL 'L-peptide linking' y VALINE          ? 'C5 H11 N O2'    117.146 
# 
loop_
_pdbx_poly_seq_scheme.asym_id 
_pdbx_poly_seq_scheme.entity_id 
_pdbx_poly_seq_scheme.seq_id 
_pdbx_poly_seq_scheme.mon_id 
_pdbx_poly_seq_scheme.ndb_seq_num 
_pdbx_poly_seq_scheme.pdb_seq_num 
_pdbx_poly_seq_scheme.auth_seq_num 
_pdbx_poly_seq_scheme.pdb_mon_id 
_pdbx_poly_seq_scheme.auth_mon_id 
_pdbx_poly_seq_scheme.pdb_strand_id 
_pdbx_poly_seq_scheme.pdb_ins_code 
_pdbx_poly_seq_scheme.hetero 
A 1 1  MET 1  1  1  MET MET A . n 
A 1 2  GLY 2  2  2  GLY GLY A . n 
A 1 3  MET 3  3  3  MET MET A . n 
A 1 4  ILE 4  4  4  ILE ILE A . n 
A 1 5  VAL 5  5  5  VAL VAL A . n 
A 1 6  PHE 6  6  6  PHE PHE A . n 
A 1 7  VAL 7  7  7  VAL VAL A . n 
A 1 8  ARG 8  8  8  ARG ARG A . n 
A 1 9  PHE 9  9  9  PHE PHE A . n 
A 1 10 ASN 10 10 10 ASN ASN A . n 
A 1 11 SER 11 11 11 SER SER A . n 
A 1 12 SER 12 12 12 SER SER A . n 
A 1 13 TYR 13 13 13 TYR TYR A . n 
A 1 14 GLY 14 14 14 GLY GLY A . n 
A 1 15 PHE 15 15 15 PHE PHE A . n 
A 1 16 PRO 16 16 16 PRO PRO A . n 
A 1 17 VAL 17 17 17 VAL VAL A . n 
A 1 18 GLU 18 18 18 GLU GLU A . n 
A 1 19 VAL 19 19 19 VAL VAL A . n 
A 1 20 ASP 20 20 20 ASP ASP A . n 
A 1 21 SER 21 21 21 SER SER A . n 
A 1 22 ASP 22 22 22 ASP ASP A . n 
A 1 23 THR 23 23 23 THR THR A . n 
A 1 24 SER 24 24 24 SER SER A . n 
A 1 25 ILE 25 25 25 ILE ILE A . n 
A 1 26 LEU 26 26 26 LEU LEU A . n 
A 1 27 GLN 27 27 27 GLN GLN A . n 
A 1 28 LEU 28 28 28 LEU LEU A . n 
A 1 29 LYS 29 29 29 LYS LYS A . n 
A 1 30 GLU 30 30 30 GLU GLU A . n 
A 1 31 VAL 31 31 31 VAL VAL A . n 
A 1 32 VAL 32 32 32 VAL VAL A . n 
A 1 33 ALA 33 33 33 ALA ALA A . n 
A 1 34 LYS 34 34 34 LYS LYS A . n 
A 1 35 ARG 35 35 35 ARG ARG A . n 
A 1 36 GLN 36 36 36 GLN GLN A . n 
A 1 37 GLY 37 37 37 GLY GLY A . n 
A 1 38 VAL 38 38 38 VAL VAL A . n 
A 1 39 PRO 39 39 39 PRO PRO A . n 
A 1 40 ALA 40 40 40 ALA ALA A . n 
A 1 41 ASP 41 41 41 ASP ASP A . n 
A 1 42 GLN 42 42 42 GLN GLN A . n 
A 1 43 LEU 43 43 43 LEU LEU A . n 
A 1 44 ARG 44 44 44 ARG ARG A . n 
A 1 45 VAL 45 45 45 VAL VAL A . n 
A 1 46 ILE 46 46 46 ILE ILE A . n 
A 1 47 PHE 47 47 47 PHE PHE A . n 
A 1 48 ALA 48 48 48 ALA ALA A . n 
A 1 49 GLY 49 49 49 GLY GLY A . n 
A 1 50 LYS 50 50 50 LYS LYS A . n 
A 1 51 GLU 51 51 51 GLU GLU A . n 
A 1 52 LEU 52 52 52 LEU LEU A . n 
A 1 53 PRO 53 53 53 PRO PRO A . n 
A 1 54 ASN 54 54 54 ASN ASN A . n 
A 1 55 HIS 55 55 55 HIS HIS A . n 
A 1 56 LEU 56 56 56 LEU LEU A . n 
A 1 57 THR 57 57 57 THR THR A . n 
A 1 58 VAL 58 58 58 VAL VAL A . n 
A 1 59 GLN 59 59 59 GLN GLN A . n 
A 1 60 ASN 60 60 60 ASN ASN A . n 
A 1 61 CYS 61 61 61 CYS CYS A . n 
A 1 62 ASP 62 62 62 ASP ASP A . n 
A 1 63 LEU 63 63 63 LEU LEU A . n 
A 1 64 GLU 64 64 64 GLU GLU A . n 
A 1 65 GLN 65 65 65 GLN GLN A . n 
A 1 66 GLN 66 66 66 GLN GLN A . n 
A 1 67 SER 67 67 67 SER SER A . n 
A 1 68 ILE 68 68 68 ILE ILE A . n 
A 1 69 VAL 69 69 69 VAL VAL A . n 
A 1 70 HIS 70 70 70 HIS HIS A . n 
A 1 71 ILE 71 71 71 ILE ILE A . n 
A 1 72 VAL 72 72 72 VAL VAL A . n 
A 1 73 GLN 73 73 73 GLN GLN A . n 
A 1 74 ARG 74 74 74 ARG ARG A . n 
A 1 75 PRO 75 75 75 PRO PRO A . n 
A 1 76 ARG 76 76 76 ARG ARG A . n 
A 1 77 ARG 77 77 77 ARG ARG A . n 
A 1 78 ARG 78 78 78 ARG ARG A . n 
# 
loop_
_pdbx_nonpoly_scheme.asym_id 
_pdbx_nonpoly_scheme.entity_id 
_pdbx_nonpoly_scheme.mon_id 
_pdbx_nonpoly_scheme.ndb_seq_num 
_pdbx_nonpoly_scheme.pdb_seq_num 
_pdbx_nonpoly_scheme.auth_seq_num 
_pdbx_nonpoly_scheme.pdb_mon_id 
_pdbx_nonpoly_scheme.auth_mon_id 
_pdbx_nonpoly_scheme.pdb_strand_id 
_pdbx_nonpoly_scheme.pdb_ins_code 
B 2 HOH 1  79  1  HOH TIP A . 
B 2 HOH 2  80  2  HOH TIP A . 
B 2 HOH 3  81  3  HOH TIP A . 
B 2 HOH 4  82  4  HOH TIP A . 
B 2 HOH 5  83  5  HOH TIP A . 
B 2 HOH 6  84  6  HOH TIP A . 
B 2 HOH 7  85  7  HOH TIP A . 
B 2 HOH 8  86  8  HOH TIP A . 
B 2 HOH 9  87  9  HOH TIP A . 
B 2 HOH 10 88  10 HOH TIP A . 
B 2 HOH 11 89  11 HOH TIP A . 
B 2 HOH 12 90  12 HOH TIP A . 
B 2 HOH 13 91  13 HOH TIP A . 
B 2 HOH 14 92  14 HOH TIP A . 
B 2 HOH 15 93  15 HOH TIP A . 
B 2 HOH 16 94  16 HOH TIP A . 
B 2 HOH 17 95  17 HOH TIP A . 
B 2 HOH 18 96  18 HOH TIP A . 
B 2 HOH 19 97  19 HOH TIP A . 
B 2 HOH 20 98  20 HOH TIP A . 
B 2 HOH 21 99  21 HOH TIP A . 
B 2 HOH 22 100 22 HOH TIP A . 
B 2 HOH 23 101 23 HOH TIP A . 
B 2 HOH 24 102 24 HOH TIP A . 
B 2 HOH 25 103 25 HOH TIP A . 
B 2 HOH 26 104 26 HOH TIP A . 
B 2 HOH 27 105 27 HOH TIP A . 
B 2 HOH 28 106 28 HOH TIP A . 
B 2 HOH 29 107 29 HOH TIP A . 
B 2 HOH 30 108 30 HOH TIP A . 
B 2 HOH 31 109 31 HOH TIP A . 
B 2 HOH 32 110 32 HOH TIP A . 
B 2 HOH 33 111 33 HOH TIP A . 
B 2 HOH 34 112 34 HOH TIP A . 
B 2 HOH 35 113 35 HOH TIP A . 
B 2 HOH 36 114 36 HOH TIP A . 
B 2 HOH 37 115 37 HOH TIP A . 
B 2 HOH 38 116 38 HOH TIP A . 
B 2 HOH 39 117 39 HOH TIP A . 
B 2 HOH 40 118 40 HOH TIP A . 
B 2 HOH 41 119 41 HOH TIP A . 
B 2 HOH 42 120 42 HOH TIP A . 
B 2 HOH 43 121 43 HOH TIP A . 
B 2 HOH 44 122 44 HOH TIP A . 
# 
loop_
_software.name 
_software.classification 
_software.version 
_software.citation_id 
_software.pdbx_ordinal 
CrystalClear 'data collection' .   ? 1 
SOLVE        phasing           .   ? 2 
CNS          refinement        1.1 ? 3 
CrystalClear 'data reduction'  .   ? 4 
SCALEPACK    'data scaling'    .   ? 5 
# 
_cell.entry_id           2ZEQ 
_cell.length_a           46.06 
_cell.length_b           46.06 
_cell.length_c           65.15 
_cell.angle_alpha        90 
_cell.angle_beta         90 
_cell.angle_gamma        120 
_cell.pdbx_unique_axis   ? 
_cell.Z_PDB              6 
_cell.length_a_esd       ? 
_cell.length_b_esd       ? 
_cell.length_c_esd       ? 
_cell.angle_alpha_esd    ? 
_cell.angle_beta_esd     ? 
_cell.angle_gamma_esd    ? 
# 
_symmetry.entry_id                         2ZEQ 
_symmetry.space_group_name_H-M             'P 61' 
_symmetry.pdbx_full_space_group_name_H-M   ? 
_symmetry.Int_Tables_number                169 
_symmetry.cell_setting                     ? 
_symmetry.space_group_name_Hall            ? 
# 
_exptl.entry_id          2ZEQ 
_exptl.method            'X-RAY DIFFRACTION' 
_exptl.crystals_number   2 
# 
_exptl_crystal.id                    1 
_exptl_crystal.density_meas          ? 
_exptl_crystal.density_Matthews      2.24 
_exptl_crystal.density_percent_sol   45.01 
_exptl_crystal.description           ? 
_exptl_crystal.F_000                 ? 
_exptl_crystal.preparation           ? 
# 
_exptl_crystal_grow.crystal_id      1 
_exptl_crystal_grow.method          'VAPOR DIFFUSION, HANGING DROP' 
_exptl_crystal_grow.temp            288 
_exptl_crystal_grow.temp_details    ? 
_exptl_crystal_grow.pH              4.3 
_exptl_crystal_grow.pdbx_details    '3M NaCl, 50mM Acetate, pH 4.3, VAPOR DIFFUSION, HANGING DROP, temperature 288K' 
_exptl_crystal_grow.pdbx_pH_range   ? 
# 
_diffrn.id                     1 
_diffrn.ambient_temp           100 
_diffrn.ambient_temp_details   ? 
_diffrn.crystal_id             1 
# 
_diffrn_detector.diffrn_id              1 
_diffrn_detector.detector               'IMAGE PLATE' 
_diffrn_detector.type                   'RIGAKU RAXIS VII' 
_diffrn_detector.pdbx_collection_date   ? 
_diffrn_detector.details                'Osmic mirrors' 
# 
_diffrn_radiation.diffrn_id                        1 
_diffrn_radiation.wavelength_id                    1 
_diffrn_radiation.pdbx_monochromatic_or_laue_m_l   M 
_diffrn_radiation.monochromator                    ? 
_diffrn_radiation.pdbx_diffrn_protocol             'SINGLE WAVELENGTH' 
_diffrn_radiation.pdbx_scattering_type             x-ray 
# 
_diffrn_radiation_wavelength.id           1 
_diffrn_radiation_wavelength.wavelength   1.5418 
_diffrn_radiation_wavelength.wt           1.0 
# 
_diffrn_source.diffrn_id                   1 
_diffrn_source.source                      'ROTATING ANODE' 
_diffrn_source.type                        'RIGAKU FR-E+ DW' 
_diffrn_source.pdbx_synchrotron_site       ? 
_diffrn_source.pdbx_synchrotron_beamline   ? 
_diffrn_source.pdbx_wavelength             ? 
_diffrn_source.pdbx_wavelength_list        1.5418 
# 
_reflns.entry_id                     2ZEQ 
_reflns.observed_criterion_sigma_F   ? 
_reflns.observed_criterion_sigma_I   ? 
_reflns.d_resolution_high            1.65 
_reflns.d_resolution_low             39.89 
_reflns.number_all                   ? 
_reflns.number_obs                   11949 
_reflns.percent_possible_obs         99.2 
_reflns.pdbx_Rmerge_I_obs            0.019 
_reflns.pdbx_Rsym_value              ? 
_reflns.pdbx_netI_over_sigmaI        ? 
_reflns.B_iso_Wilson_estimate        ? 
_reflns.pdbx_redundancy              5.38 
_reflns.R_free_details               ? 
_reflns.limit_h_max                  ? 
_reflns.limit_h_min                  ? 
_reflns.limit_k_max                  ? 
_reflns.limit_k_min                  ? 
_reflns.limit_l_max                  ? 
_reflns.limit_l_min                  ? 
_reflns.observed_criterion_F_max     ? 
_reflns.observed_criterion_F_min     ? 
_reflns.pdbx_chi_squared             ? 
_reflns.pdbx_scaling_rejects         ? 
_reflns.pdbx_diffrn_id               1 
_reflns.pdbx_ordinal                 1 
# 
_reflns_shell.d_res_high             1.65 
_reflns_shell.d_res_low              1.71 
_reflns_shell.percent_possible_all   98.2 
_reflns_shell.Rmerge_I_obs           0.077 
_reflns_shell.pdbx_Rsym_value        ? 
_reflns_shell.meanI_over_sigI_obs    ? 
_reflns_shell.pdbx_redundancy        5.17 
_reflns_shell.percent_possible_obs   ? 
_reflns_shell.number_unique_all      ? 
_reflns_shell.number_measured_all    ? 
_reflns_shell.number_measured_obs    ? 
_reflns_shell.number_unique_obs      ? 
_reflns_shell.pdbx_chi_squared       ? 
_reflns_shell.pdbx_diffrn_id         ? 
_reflns_shell.pdbx_ordinal           1 
# 
_refine.entry_id                                 2ZEQ 
_refine.ls_d_res_high                            1.65 
_refine.ls_d_res_low                             39.89 
_refine.pdbx_ls_sigma_F                          ? 
_refine.pdbx_ls_sigma_I                          ? 
_refine.ls_number_reflns_all                     ? 
_refine.ls_number_reflns_obs                     9420 
_refine.ls_number_reflns_R_free                  942 
_refine.ls_percent_reflns_obs                    ? 
_refine.ls_R_factor_all                          ? 
_refine.ls_R_factor_obs                          ? 
_refine.ls_R_factor_R_work                       0.195 
_refine.ls_R_factor_R_free                       0.244 
_refine.ls_redundancy_reflns_obs                 ? 
_refine.pdbx_data_cutoff_high_absF               ? 
_refine.pdbx_data_cutoff_low_absF                ? 
_refine.ls_number_parameters                     ? 
_refine.ls_number_restraints                     ? 
_refine.ls_percent_reflns_R_free                 ? 
_refine.ls_R_factor_R_free_error                 ? 
_refine.ls_R_factor_R_free_error_details         ? 
_refine.pdbx_method_to_determine_struct          SAD 
_refine.pdbx_starting_model                      ? 
_refine.pdbx_ls_cross_valid_method               THROUGHOUT 
_refine.pdbx_R_Free_selection_details            RANDOM 
_refine.pdbx_stereochem_target_val_spec_case     ? 
_refine.pdbx_stereochemistry_target_values       ? 
_refine.solvent_model_details                    ? 
_refine.solvent_model_param_bsol                 ? 
_refine.solvent_model_param_ksol                 ? 
_refine.occupancy_max                            ? 
_refine.occupancy_min                            ? 
_refine.pdbx_isotropic_thermal_model             ? 
_refine.B_iso_mean                               19.32 
_refine.aniso_B[1][1]                            ? 
_refine.aniso_B[1][2]                            ? 
_refine.aniso_B[1][3]                            ? 
_refine.aniso_B[2][2]                            ? 
_refine.aniso_B[2][3]                            ? 
_refine.aniso_B[3][3]                            ? 
_refine.details                                  ? 
_refine.B_iso_min                                ? 
_refine.B_iso_max                                ? 
_refine.correlation_coeff_Fo_to_Fc               ? 
_refine.correlation_coeff_Fo_to_Fc_free          ? 
_refine.pdbx_solvent_vdw_probe_radii             ? 
_refine.pdbx_solvent_ion_probe_radii             ? 
_refine.pdbx_solvent_shrinkage_radii             ? 
_refine.overall_SU_R_Cruickshank_DPI             ? 
_refine.overall_SU_R_free                        ? 
_refine.overall_SU_ML                            ? 
_refine.overall_SU_B                             ? 
_refine.pdbx_overall_ESU_R_Free                  ? 
_refine.pdbx_data_cutoff_high_rms_absF           ? 
_refine.pdbx_overall_ESU_R                       ? 
_refine.ls_wR_factor_R_free                      ? 
_refine.ls_wR_factor_R_work                      ? 
_refine.overall_FOM_free_R_set                   ? 
_refine.overall_FOM_work_R_set                   ? 
_refine.pdbx_overall_phase_error                 ? 
_refine.pdbx_refine_id                           'X-RAY DIFFRACTION' 
_refine.pdbx_diffrn_id                           1 
_refine.pdbx_TLS_residual_ADP_flag               ? 
_refine.pdbx_overall_SU_R_free_Cruickshank_DPI   ? 
_refine.pdbx_overall_SU_R_Blow_DPI               ? 
_refine.pdbx_overall_SU_R_free_Blow_DPI          ? 
# 
_refine_hist.pdbx_refine_id                   'X-RAY DIFFRACTION' 
_refine_hist.cycle_id                         LAST 
_refine_hist.pdbx_number_atoms_protein        626 
_refine_hist.pdbx_number_atoms_nucleic_acid   0 
_refine_hist.pdbx_number_atoms_ligand         0 
_refine_hist.number_atoms_solvent             44 
_refine_hist.number_atoms_total               670 
_refine_hist.d_res_high                       1.65 
_refine_hist.d_res_low                        39.89 
# 
loop_
_refine_ls_restr.type 
_refine_ls_restr.dev_ideal 
_refine_ls_restr.dev_ideal_target 
_refine_ls_restr.weight 
_refine_ls_restr.number 
_refine_ls_restr.pdbx_refine_id 
_refine_ls_restr.pdbx_restraint_function 
x_bond_d           0.014 ? ? ? 'X-RAY DIFFRACTION' ? 
x_angle_deg        1.762 ? ? ? 'X-RAY DIFFRACTION' ? 
x_improper_angle_d 1.142 ? ? ? 'X-RAY DIFFRACTION' ? 
# 
_struct.entry_id                  2ZEQ 
_struct.title                     'Crystal structure of ubiquitin-like domain of murine Parkin' 
_struct.pdbx_model_details        ? 
_struct.pdbx_CASP_flag            ? 
_struct.pdbx_model_type_details   ? 
# 
_struct_keywords.entry_id        2ZEQ 
_struct_keywords.pdbx_keywords   LIGASE 
_struct_keywords.text            
;Parkin, ubiquitin-like domain, Alternative splicing, Cell junction, Cell projection, Cytoplasm, Endoplasmic reticulum, Ligase, Membrane, Metal-binding, Nucleus, Postsynaptic cell membrane, S-nitrosylation, Synapse, Ubl conjugation, Ubl conjugation pathway, Zinc, Zinc-finger
;
# 
loop_
_struct_asym.id 
_struct_asym.pdbx_blank_PDB_chainid_flag 
_struct_asym.pdbx_modified 
_struct_asym.entity_id 
_struct_asym.details 
A N N 1 ? 
B N N 2 ? 
# 
_struct_ref.id                         1 
_struct_ref.db_name                    UNP 
_struct_ref.db_code                    PRKN2_MOUSE 
_struct_ref.pdbx_db_accession          Q9WVS6 
_struct_ref.entity_id                  1 
_struct_ref.pdbx_seq_one_letter_code   MIVFVRFNSSYGFPVEVDSDTSILQLKEVVAKRQGVPADQLRVIFAGKELPNHLTVQNCDLEQQSIVHIVQRPRRR 
_struct_ref.pdbx_align_begin           1 
_struct_ref.pdbx_db_isoform            ? 
# 
_struct_ref_seq.align_id                      1 
_struct_ref_seq.ref_id                        1 
_struct_ref_seq.pdbx_PDB_id_code              2ZEQ 
_struct_ref_seq.pdbx_strand_id                A 
_struct_ref_seq.seq_align_beg                 3 
_struct_ref_seq.pdbx_seq_align_beg_ins_code   ? 
_struct_ref_seq.seq_align_end                 78 
_struct_ref_seq.pdbx_seq_align_end_ins_code   ? 
_struct_ref_seq.pdbx_db_accession             Q9WVS6 
_struct_ref_seq.db_align_beg                  1 
_struct_ref_seq.pdbx_db_align_beg_ins_code    ? 
_struct_ref_seq.db_align_end                  76 
_struct_ref_seq.pdbx_db_align_end_ins_code    ? 
_struct_ref_seq.pdbx_auth_seq_align_beg       3 
_struct_ref_seq.pdbx_auth_seq_align_end       78 
# 
loop_
_struct_ref_seq_dif.align_id 
_struct_ref_seq_dif.pdbx_pdb_id_code 
_struct_ref_seq_dif.mon_id 
_struct_ref_seq_dif.pdbx_pdb_strand_id 
_struct_ref_seq_dif.seq_num 
_struct_ref_seq_dif.pdbx_pdb_ins_code 
_struct_ref_seq_dif.pdbx_seq_db_name 
_struct_ref_seq_dif.pdbx_seq_db_accession_code 
_struct_ref_seq_dif.db_mon_id 
_struct_ref_seq_dif.pdbx_seq_db_seq_num 
_struct_ref_seq_dif.details 
_struct_ref_seq_dif.pdbx_auth_seq_num 
_struct_ref_seq_dif.pdbx_ordinal 
1 2ZEQ MET A 1 ? UNP Q9WVS6 ? ? 'expression tag' 1 1 
1 2ZEQ GLY A 2 ? UNP Q9WVS6 ? ? 'expression tag' 2 2 
# 
_pdbx_struct_assembly.id                   1 
_pdbx_struct_assembly.details              author_and_software_defined_assembly 
_pdbx_struct_assembly.method_details       PISA 
_pdbx_struct_assembly.oligomeric_details   monomeric 
_pdbx_struct_assembly.oligomeric_count     1 
# 
_pdbx_struct_assembly_gen.assembly_id       1 
_pdbx_struct_assembly_gen.oper_expression   1 
_pdbx_struct_assembly_gen.asym_id_list      A,B 
# 
_pdbx_struct_oper_list.id                   1 
_pdbx_struct_oper_list.type                 'identity operation' 
_pdbx_struct_oper_list.name                 1_555 
_pdbx_struct_oper_list.symmetry_operation   x,y,z 
_pdbx_struct_oper_list.matrix[1][1]         1.0000000000 
_pdbx_struct_oper_list.matrix[1][2]         0.0000000000 
_pdbx_struct_oper_list.matrix[1][3]         0.0000000000 
_pdbx_struct_oper_list.vector[1]            0.0000000000 
_pdbx_struct_oper_list.matrix[2][1]         0.0000000000 
_pdbx_struct_oper_list.matrix[2][2]         1.0000000000 
_pdbx_struct_oper_list.matrix[2][3]         0.0000000000 
_pdbx_struct_oper_list.vector[2]            0.0000000000 
_pdbx_struct_oper_list.matrix[3][1]         0.0000000000 
_pdbx_struct_oper_list.matrix[3][2]         0.0000000000 
_pdbx_struct_oper_list.matrix[3][3]         1.0000000000 
_pdbx_struct_oper_list.vector[3]            0.0000000000 
# 
_struct_biol.id        1 
_struct_biol.details   ? 
# 
loop_
_struct_conf.conf_type_id 
_struct_conf.id 
_struct_conf.pdbx_PDB_helix_id 
_struct_conf.beg_label_comp_id 
_struct_conf.beg_label_asym_id 
_struct_conf.beg_label_seq_id 
_struct_conf.pdbx_beg_PDB_ins_code 
_struct_conf.end_label_comp_id 
_struct_conf.end_label_asym_id 
_struct_conf.end_label_seq_id 
_struct_conf.pdbx_end_PDB_ins_code 
_struct_conf.beg_auth_comp_id 
_struct_conf.beg_auth_asym_id 
_struct_conf.beg_auth_seq_id 
_struct_conf.end_auth_comp_id 
_struct_conf.end_auth_asym_id 
_struct_conf.end_auth_seq_id 
_struct_conf.pdbx_PDB_helix_class 
_struct_conf.details 
_struct_conf.pdbx_PDB_helix_length 
HELX_P HELX_P1 1 SER A 24 ? GLY A 37 ? SER A 24 GLY A 37 1 ? 14 
HELX_P HELX_P2 2 PRO A 39 ? ASP A 41 ? PRO A 39 ASP A 41 5 ? 3  
HELX_P HELX_P3 3 THR A 57 ? CYS A 61 ? THR A 57 CYS A 61 5 ? 5  
# 
_struct_conf_type.id          HELX_P 
_struct_conf_type.criteria    ? 
_struct_conf_type.reference   ? 
# 
_struct_mon_prot_cis.pdbx_id                1 
_struct_mon_prot_cis.label_comp_id          ARG 
_struct_mon_prot_cis.label_seq_id           74 
_struct_mon_prot_cis.label_asym_id          A 
_struct_mon_prot_cis.label_alt_id           . 
_struct_mon_prot_cis.pdbx_PDB_ins_code      ? 
_struct_mon_prot_cis.auth_comp_id           ARG 
_struct_mon_prot_cis.auth_seq_id            74 
_struct_mon_prot_cis.auth_asym_id           A 
_struct_mon_prot_cis.pdbx_label_comp_id_2   PRO 
_struct_mon_prot_cis.pdbx_label_seq_id_2    75 
_struct_mon_prot_cis.pdbx_label_asym_id_2   A 
_struct_mon_prot_cis.pdbx_PDB_ins_code_2    ? 
_struct_mon_prot_cis.pdbx_auth_comp_id_2    PRO 
_struct_mon_prot_cis.pdbx_auth_seq_id_2     75 
_struct_mon_prot_cis.pdbx_auth_asym_id_2    A 
_struct_mon_prot_cis.pdbx_PDB_model_num     1 
_struct_mon_prot_cis.pdbx_omega_angle       0.15 
# 
_struct_sheet.id               A 
_struct_sheet.type             ? 
_struct_sheet.number_strands   5 
_struct_sheet.details          ? 
# 
loop_
_struct_sheet_order.sheet_id 
_struct_sheet_order.range_id_1 
_struct_sheet_order.range_id_2 
_struct_sheet_order.offset 
_struct_sheet_order.sense 
A 1 2 ? anti-parallel 
A 2 3 ? parallel      
A 3 4 ? anti-parallel 
A 4 5 ? anti-parallel 
# 
loop_
_struct_sheet_range.sheet_id 
_struct_sheet_range.id 
_struct_sheet_range.beg_label_comp_id 
_struct_sheet_range.beg_label_asym_id 
_struct_sheet_range.beg_label_seq_id 
_struct_sheet_range.pdbx_beg_PDB_ins_code 
_struct_sheet_range.end_label_comp_id 
_struct_sheet_range.end_label_asym_id 
_struct_sheet_range.end_label_seq_id 
_struct_sheet_range.pdbx_end_PDB_ins_code 
_struct_sheet_range.beg_auth_comp_id 
_struct_sheet_range.beg_auth_asym_id 
_struct_sheet_range.beg_auth_seq_id 
_struct_sheet_range.end_auth_comp_id 
_struct_sheet_range.end_auth_asym_id 
_struct_sheet_range.end_auth_seq_id 
A 1 PHE A 15 ? VAL A 19 ? PHE A 15 VAL A 19 
A 2 MET A 3  ? ARG A 8  ? MET A 3  ARG A 8  
A 3 ILE A 68 ? GLN A 73 ? ILE A 68 GLN A 73 
A 4 LEU A 43 ? PHE A 47 ? LEU A 43 PHE A 47 
A 5 LYS A 50 ? LEU A 52 ? LYS A 50 LEU A 52 
# 
loop_
_pdbx_struct_sheet_hbond.sheet_id 
_pdbx_struct_sheet_hbond.range_id_1 
_pdbx_struct_sheet_hbond.range_id_2 
_pdbx_struct_sheet_hbond.range_1_label_atom_id 
_pdbx_struct_sheet_hbond.range_1_label_comp_id 
_pdbx_struct_sheet_hbond.range_1_label_asym_id 
_pdbx_struct_sheet_hbond.range_1_label_seq_id 
_pdbx_struct_sheet_hbond.range_1_PDB_ins_code 
_pdbx_struct_sheet_hbond.range_1_auth_atom_id 
_pdbx_struct_sheet_hbond.range_1_auth_comp_id 
_pdbx_struct_sheet_hbond.range_1_auth_asym_id 
_pdbx_struct_sheet_hbond.range_1_auth_seq_id 
_pdbx_struct_sheet_hbond.range_2_label_atom_id 
_pdbx_struct_sheet_hbond.range_2_label_comp_id 
_pdbx_struct_sheet_hbond.range_2_label_asym_id 
_pdbx_struct_sheet_hbond.range_2_label_seq_id 
_pdbx_struct_sheet_hbond.range_2_PDB_ins_code 
_pdbx_struct_sheet_hbond.range_2_auth_atom_id 
_pdbx_struct_sheet_hbond.range_2_auth_comp_id 
_pdbx_struct_sheet_hbond.range_2_auth_asym_id 
_pdbx_struct_sheet_hbond.range_2_auth_seq_id 
A 1 2 O PHE A 15 ? O PHE A 15 N VAL A 7  ? N VAL A 7  
A 2 3 N ARG A 8  ? N ARG A 8  O VAL A 69 ? O VAL A 69 
A 3 4 O HIS A 70 ? O HIS A 70 N ILE A 46 ? N ILE A 46 
A 4 5 N PHE A 47 ? N PHE A 47 O LYS A 50 ? O LYS A 50 
# 
loop_
_pdbx_validate_close_contact.id 
_pdbx_validate_close_contact.PDB_model_num 
_pdbx_validate_close_contact.auth_atom_id_1 
_pdbx_validate_close_contact.auth_asym_id_1 
_pdbx_validate_close_contact.auth_comp_id_1 
_pdbx_validate_close_contact.auth_seq_id_1 
_pdbx_validate_close_contact.PDB_ins_code_1 
_pdbx_validate_close_contact.label_alt_id_1 
_pdbx_validate_close_contact.auth_atom_id_2 
_pdbx_validate_close_contact.auth_asym_id_2 
_pdbx_validate_close_contact.auth_comp_id_2 
_pdbx_validate_close_contact.auth_seq_id_2 
_pdbx_validate_close_contact.PDB_ins_code_2 
_pdbx_validate_close_contact.label_alt_id_2 
_pdbx_validate_close_contact.dist 
1 1 O A ALA 48 ? ? O A HOH 110 ? ? 1.97 
2 1 O A PHE 47 ? ? O A HOH 110 ? ? 2.13 
# 
_pdbx_validate_rmsd_angle.id                         1 
_pdbx_validate_rmsd_angle.PDB_model_num              1 
_pdbx_validate_rmsd_angle.auth_atom_id_1             N 
_pdbx_validate_rmsd_angle.auth_asym_id_1             A 
_pdbx_validate_rmsd_angle.auth_comp_id_1             GLY 
_pdbx_validate_rmsd_angle.auth_seq_id_1              2 
_pdbx_validate_rmsd_angle.PDB_ins_code_1             ? 
_pdbx_validate_rmsd_angle.label_alt_id_1             ? 
_pdbx_validate_rmsd_angle.auth_atom_id_2             CA 
_pdbx_validate_rmsd_angle.auth_asym_id_2             A 
_pdbx_validate_rmsd_angle.auth_comp_id_2             GLY 
_pdbx_validate_rmsd_angle.auth_seq_id_2              2 
_pdbx_validate_rmsd_angle.PDB_ins_code_2             ? 
_pdbx_validate_rmsd_angle.label_alt_id_2             ? 
_pdbx_validate_rmsd_angle.auth_atom_id_3             C 
_pdbx_validate_rmsd_angle.auth_asym_id_3             A 
_pdbx_validate_rmsd_angle.auth_comp_id_3             GLY 
_pdbx_validate_rmsd_angle.auth_seq_id_3              2 
_pdbx_validate_rmsd_angle.PDB_ins_code_3             ? 
_pdbx_validate_rmsd_angle.label_alt_id_3             ? 
_pdbx_validate_rmsd_angle.angle_value                98.00 
_pdbx_validate_rmsd_angle.angle_target_value         113.10 
_pdbx_validate_rmsd_angle.angle_deviation            -15.10 
_pdbx_validate_rmsd_angle.angle_standard_deviation   2.50 
_pdbx_validate_rmsd_angle.linker_flag                N 
# 
loop_
_chem_comp_atom.comp_id 
_chem_comp_atom.atom_id 
_chem_comp_atom.type_symbol 
_chem_comp_atom.pdbx_aromatic_flag 
_chem_comp_atom.pdbx_stereo_config 
_chem_comp_atom.pdbx_ordinal 
ALA N    N N N 1   
ALA CA   C N S 2   
ALA C    C N N 3   
ALA O    O N N 4   
ALA CB   C N N 5   
ALA OXT  O N N 6   
ALA H    H N N 7   
ALA H2   H N N 8   
ALA HA   H N N 9   
ALA HB1  H N N 10  
ALA HB2  H N N 11  
ALA HB3  H N N 12  
ALA HXT  H N N 13  
ARG N    N N N 14  
ARG CA   C N S 15  
ARG C    C N N 16  
ARG O    O N N 17  
ARG CB   C N N 18  
ARG CG   C N N 19  
ARG CD   C N N 20  
ARG NE   N N N 21  
ARG CZ   C N N 22  
ARG NH1  N N N 23  
ARG NH2  N N N 24  
ARG OXT  O N N 25  
ARG H    H N N 26  
ARG H2   H N N 27  
ARG HA   H N N 28  
ARG HB2  H N N 29  
ARG HB3  H N N 30  
ARG HG2  H N N 31  
ARG HG3  H N N 32  
ARG HD2  H N N 33  
ARG HD3  H N N 34  
ARG HE   H N N 35  
ARG HH11 H N N 36  
ARG HH12 H N N 37  
ARG HH21 H N N 38  
ARG HH22 H N N 39  
ARG HXT  H N N 40  
ASN N    N N N 41  
ASN CA   C N S 42  
ASN C    C N N 43  
ASN O    O N N 44  
ASN CB   C N N 45  
ASN CG   C N N 46  
ASN OD1  O N N 47  
ASN ND2  N N N 48  
ASN OXT  O N N 49  
ASN H    H N N 50  
ASN H2   H N N 51  
ASN HA   H N N 52  
ASN HB2  H N N 53  
ASN HB3  H N N 54  
ASN HD21 H N N 55  
ASN HD22 H N N 56  
ASN HXT  H N N 57  
ASP N    N N N 58  
ASP CA   C N S 59  
ASP C    C N N 60  
ASP O    O N N 61  
ASP CB   C N N 62  
ASP CG   C N N 63  
ASP OD1  O N N 64  
ASP OD2  O N N 65  
ASP OXT  O N N 66  
ASP H    H N N 67  
ASP H2   H N N 68  
ASP HA   H N N 69  
ASP HB2  H N N 70  
ASP HB3  H N N 71  
ASP HD2  H N N 72  
ASP HXT  H N N 73  
CYS N    N N N 74  
CYS CA   C N R 75  
CYS C    C N N 76  
CYS O    O N N 77  
CYS CB   C N N 78  
CYS SG   S N N 79  
CYS OXT  O N N 80  
CYS H    H N N 81  
CYS H2   H N N 82  
CYS HA   H N N 83  
CYS HB2  H N N 84  
CYS HB3  H N N 85  
CYS HG   H N N 86  
CYS HXT  H N N 87  
GLN N    N N N 88  
GLN CA   C N S 89  
GLN C    C N N 90  
GLN O    O N N 91  
GLN CB   C N N 92  
GLN CG   C N N 93  
GLN CD   C N N 94  
GLN OE1  O N N 95  
GLN NE2  N N N 96  
GLN OXT  O N N 97  
GLN H    H N N 98  
GLN H2   H N N 99  
GLN HA   H N N 100 
GLN HB2  H N N 101 
GLN HB3  H N N 102 
GLN HG2  H N N 103 
GLN HG3  H N N 104 
GLN HE21 H N N 105 
GLN HE22 H N N 106 
GLN HXT  H N N 107 
GLU N    N N N 108 
GLU CA   C N S 109 
GLU C    C N N 110 
GLU O    O N N 111 
GLU CB   C N N 112 
GLU CG   C N N 113 
GLU CD   C N N 114 
GLU OE1  O N N 115 
GLU OE2  O N N 116 
GLU OXT  O N N 117 
GLU H    H N N 118 
GLU H2   H N N 119 
GLU HA   H N N 120 
GLU HB2  H N N 121 
GLU HB3  H N N 122 
GLU HG2  H N N 123 
GLU HG3  H N N 124 
GLU HE2  H N N 125 
GLU HXT  H N N 126 
GLY N    N N N 127 
GLY CA   C N N 128 
GLY C    C N N 129 
GLY O    O N N 130 
GLY OXT  O N N 131 
GLY H    H N N 132 
GLY H2   H N N 133 
GLY HA2  H N N 134 
GLY HA3  H N N 135 
GLY HXT  H N N 136 
HIS N    N N N 137 
HIS CA   C N S 138 
HIS C    C N N 139 
HIS O    O N N 140 
HIS CB   C N N 141 
HIS CG   C Y N 142 
HIS ND1  N Y N 143 
HIS CD2  C Y N 144 
HIS CE1  C Y N 145 
HIS NE2  N Y N 146 
HIS OXT  O N N 147 
HIS H    H N N 148 
HIS H2   H N N 149 
HIS HA   H N N 150 
HIS HB2  H N N 151 
HIS HB3  H N N 152 
HIS HD1  H N N 153 
HIS HD2  H N N 154 
HIS HE1  H N N 155 
HIS HE2  H N N 156 
HIS HXT  H N N 157 
HOH O    O N N 158 
HOH H1   H N N 159 
HOH H2   H N N 160 
ILE N    N N N 161 
ILE CA   C N S 162 
ILE C    C N N 163 
ILE O    O N N 164 
ILE CB   C N S 165 
ILE CG1  C N N 166 
ILE CG2  C N N 167 
ILE CD1  C N N 168 
ILE OXT  O N N 169 
ILE H    H N N 170 
ILE H2   H N N 171 
ILE HA   H N N 172 
ILE HB   H N N 173 
ILE HG12 H N N 174 
ILE HG13 H N N 175 
ILE HG21 H N N 176 
ILE HG22 H N N 177 
ILE HG23 H N N 178 
ILE HD11 H N N 179 
ILE HD12 H N N 180 
ILE HD13 H N N 181 
ILE HXT  H N N 182 
LEU N    N N N 183 
LEU CA   C N S 184 
LEU C    C N N 185 
LEU O    O N N 186 
LEU CB   C N N 187 
LEU CG   C N N 188 
LEU CD1  C N N 189 
LEU CD2  C N N 190 
LEU OXT  O N N 191 
LEU H    H N N 192 
LEU H2   H N N 193 
LEU HA   H N N 194 
LEU HB2  H N N 195 
LEU HB3  H N N 196 
LEU HG   H N N 197 
LEU HD11 H N N 198 
LEU HD12 H N N 199 
LEU HD13 H N N 200 
LEU HD21 H N N 201 
LEU HD22 H N N 202 
LEU HD23 H N N 203 
LEU HXT  H N N 204 
LYS N    N N N 205 
LYS CA   C N S 206 
LYS C    C N N 207 
LYS O    O N N 208 
LYS CB   C N N 209 
LYS CG   C N N 210 
LYS CD   C N N 211 
LYS CE   C N N 212 
LYS NZ   N N N 213 
LYS OXT  O N N 214 
LYS H    H N N 215 
LYS H2   H N N 216 
LYS HA   H N N 217 
LYS HB2  H N N 218 
LYS HB3  H N N 219 
LYS HG2  H N N 220 
LYS HG3  H N N 221 
LYS HD2  H N N 222 
LYS HD3  H N N 223 
LYS HE2  H N N 224 
LYS HE3  H N N 225 
LYS HZ1  H N N 226 
LYS HZ2  H N N 227 
LYS HZ3  H N N 228 
LYS HXT  H N N 229 
MET N    N N N 230 
MET CA   C N S 231 
MET C    C N N 232 
MET O    O N N 233 
MET CB   C N N 234 
MET CG   C N N 235 
MET SD   S N N 236 
MET CE   C N N 237 
MET OXT  O N N 238 
MET H    H N N 239 
MET H2   H N N 240 
MET HA   H N N 241 
MET HB2  H N N 242 
MET HB3  H N N 243 
MET HG2  H N N 244 
MET HG3  H N N 245 
MET HE1  H N N 246 
MET HE2  H N N 247 
MET HE3  H N N 248 
MET HXT  H N N 249 
PHE N    N N N 250 
PHE CA   C N S 251 
PHE C    C N N 252 
PHE O    O N N 253 
PHE CB   C N N 254 
PHE CG   C Y N 255 
PHE CD1  C Y N 256 
PHE CD2  C Y N 257 
PHE CE1  C Y N 258 
PHE CE2  C Y N 259 
PHE CZ   C Y N 260 
PHE OXT  O N N 261 
PHE H    H N N 262 
PHE H2   H N N 263 
PHE HA   H N N 264 
PHE HB2  H N N 265 
PHE HB3  H N N 266 
PHE HD1  H N N 267 
PHE HD2  H N N 268 
PHE HE1  H N N 269 
PHE HE2  H N N 270 
PHE HZ   H N N 271 
PHE HXT  H N N 272 
PRO N    N N N 273 
PRO CA   C N S 274 
PRO C    C N N 275 
PRO O    O N N 276 
PRO CB   C N N 277 
PRO CG   C N N 278 
PRO CD   C N N 279 
PRO OXT  O N N 280 
PRO H    H N N 281 
PRO HA   H N N 282 
PRO HB2  H N N 283 
PRO HB3  H N N 284 
PRO HG2  H N N 285 
PRO HG3  H N N 286 
PRO HD2  H N N 287 
PRO HD3  H N N 288 
PRO HXT  H N N 289 
SER N    N N N 290 
SER CA   C N S 291 
SER C    C N N 292 
SER O    O N N 293 
SER CB   C N N 294 
SER OG   O N N 295 
SER OXT  O N N 296 
SER H    H N N 297 
SER H2   H N N 298 
SER HA   H N N 299 
SER HB2  H N N 300 
SER HB3  H N N 301 
SER HG   H N N 302 
SER HXT  H N N 303 
THR N    N N N 304 
THR CA   C N S 305 
THR C    C N N 306 
THR O    O N N 307 
THR CB   C N R 308 
THR OG1  O N N 309 
THR CG2  C N N 310 
THR OXT  O N N 311 
THR H    H N N 312 
THR H2   H N N 313 
THR HA   H N N 314 
THR HB   H N N 315 
THR HG1  H N N 316 
THR HG21 H N N 317 
THR HG22 H N N 318 
THR HG23 H N N 319 
THR HXT  H N N 320 
TYR N    N N N 321 
TYR CA   C N S 322 
TYR C    C N N 323 
TYR O    O N N 324 
TYR CB   C N N 325 
TYR CG   C Y N 326 
TYR CD1  C Y N 327 
TYR CD2  C Y N 328 
TYR CE1  C Y N 329 
TYR CE2  C Y N 330 
TYR CZ   C Y N 331 
TYR OH   O N N 332 
TYR OXT  O N N 333 
TYR H    H N N 334 
TYR H2   H N N 335 
TYR HA   H N N 336 
TYR HB2  H N N 337 
TYR HB3  H N N 338 
TYR HD1  H N N 339 
TYR HD2  H N N 340 
TYR HE1  H N N 341 
TYR HE2  H N N 342 
TYR HH   H N N 343 
TYR HXT  H N N 344 
VAL N    N N N 345 
VAL CA   C N S 346 
VAL C    C N N 347 
VAL O    O N N 348 
VAL CB   C N N 349 
VAL CG1  C N N 350 
VAL CG2  C N N 351 
VAL OXT  O N N 352 
VAL H    H N N 353 
VAL H2   H N N 354 
VAL HA   H N N 355 
VAL HB   H N N 356 
VAL HG11 H N N 357 
VAL HG12 H N N 358 
VAL HG13 H N N 359 
VAL HG21 H N N 360 
VAL HG22 H N N 361 
VAL HG23 H N N 362 
VAL HXT  H N N 363 
# 
loop_
_chem_comp_bond.comp_id 
_chem_comp_bond.atom_id_1 
_chem_comp_bond.atom_id_2 
_chem_comp_bond.value_order 
_chem_comp_bond.pdbx_aromatic_flag 
_chem_comp_bond.pdbx_stereo_config 
_chem_comp_bond.pdbx_ordinal 
ALA N   CA   sing N N 1   
ALA N   H    sing N N 2   
ALA N   H2   sing N N 3   
ALA CA  C    sing N N 4   
ALA CA  CB   sing N N 5   
ALA CA  HA   sing N N 6   
ALA C   O    doub N N 7   
ALA C   OXT  sing N N 8   
ALA CB  HB1  sing N N 9   
ALA CB  HB2  sing N N 10  
ALA CB  HB3  sing N N 11  
ALA OXT HXT  sing N N 12  
ARG N   CA   sing N N 13  
ARG N   H    sing N N 14  
ARG N   H2   sing N N 15  
ARG CA  C    sing N N 16  
ARG CA  CB   sing N N 17  
ARG CA  HA   sing N N 18  
ARG C   O    doub N N 19  
ARG C   OXT  sing N N 20  
ARG CB  CG   sing N N 21  
ARG CB  HB2  sing N N 22  
ARG CB  HB3  sing N N 23  
ARG CG  CD   sing N N 24  
ARG CG  HG2  sing N N 25  
ARG CG  HG3  sing N N 26  
ARG CD  NE   sing N N 27  
ARG CD  HD2  sing N N 28  
ARG CD  HD3  sing N N 29  
ARG NE  CZ   sing N N 30  
ARG NE  HE   sing N N 31  
ARG CZ  NH1  sing N N 32  
ARG CZ  NH2  doub N N 33  
ARG NH1 HH11 sing N N 34  
ARG NH1 HH12 sing N N 35  
ARG NH2 HH21 sing N N 36  
ARG NH2 HH22 sing N N 37  
ARG OXT HXT  sing N N 38  
ASN N   CA   sing N N 39  
ASN N   H    sing N N 40  
ASN N   H2   sing N N 41  
ASN CA  C    sing N N 42  
ASN CA  CB   sing N N 43  
ASN CA  HA   sing N N 44  
ASN C   O    doub N N 45  
ASN C   OXT  sing N N 46  
ASN CB  CG   sing N N 47  
ASN CB  HB2  sing N N 48  
ASN CB  HB3  sing N N 49  
ASN CG  OD1  doub N N 50  
ASN CG  ND2  sing N N 51  
ASN ND2 HD21 sing N N 52  
ASN ND2 HD22 sing N N 53  
ASN OXT HXT  sing N N 54  
ASP N   CA   sing N N 55  
ASP N   H    sing N N 56  
ASP N   H2   sing N N 57  
ASP CA  C    sing N N 58  
ASP CA  CB   sing N N 59  
ASP CA  HA   sing N N 60  
ASP C   O    doub N N 61  
ASP C   OXT  sing N N 62  
ASP CB  CG   sing N N 63  
ASP CB  HB2  sing N N 64  
ASP CB  HB3  sing N N 65  
ASP CG  OD1  doub N N 66  
ASP CG  OD2  sing N N 67  
ASP OD2 HD2  sing N N 68  
ASP OXT HXT  sing N N 69  
CYS N   CA   sing N N 70  
CYS N   H    sing N N 71  
CYS N   H2   sing N N 72  
CYS CA  C    sing N N 73  
CYS CA  CB   sing N N 74  
CYS CA  HA   sing N N 75  
CYS C   O    doub N N 76  
CYS C   OXT  sing N N 77  
CYS CB  SG   sing N N 78  
CYS CB  HB2  sing N N 79  
CYS CB  HB3  sing N N 80  
CYS SG  HG   sing N N 81  
CYS OXT HXT  sing N N 82  
GLN N   CA   sing N N 83  
GLN N   H    sing N N 84  
GLN N   H2   sing N N 85  
GLN CA  C    sing N N 86  
GLN CA  CB   sing N N 87  
GLN CA  HA   sing N N 88  
GLN C   O    doub N N 89  
GLN C   OXT  sing N N 90  
GLN CB  CG   sing N N 91  
GLN CB  HB2  sing N N 92  
GLN CB  HB3  sing N N 93  
GLN CG  CD   sing N N 94  
GLN CG  HG2  sing N N 95  
GLN CG  HG3  sing N N 96  
GLN CD  OE1  doub N N 97  
GLN CD  NE2  sing N N 98  
GLN NE2 HE21 sing N N 99  
GLN NE2 HE22 sing N N 100 
GLN OXT HXT  sing N N 101 
GLU N   CA   sing N N 102 
GLU N   H    sing N N 103 
GLU N   H2   sing N N 104 
GLU CA  C    sing N N 105 
GLU CA  CB   sing N N 106 
GLU CA  HA   sing N N 107 
GLU C   O    doub N N 108 
GLU C   OXT  sing N N 109 
GLU CB  CG   sing N N 110 
GLU CB  HB2  sing N N 111 
GLU CB  HB3  sing N N 112 
GLU CG  CD   sing N N 113 
GLU CG  HG2  sing N N 114 
GLU CG  HG3  sing N N 115 
GLU CD  OE1  doub N N 116 
GLU CD  OE2  sing N N 117 
GLU OE2 HE2  sing N N 118 
GLU OXT HXT  sing N N 119 
GLY N   CA   sing N N 120 
GLY N   H    sing N N 121 
GLY N   H2   sing N N 122 
GLY CA  C    sing N N 123 
GLY CA  HA2  sing N N 124 
GLY CA  HA3  sing N N 125 
GLY C   O    doub N N 126 
GLY C   OXT  sing N N 127 
GLY OXT HXT  sing N N 128 
HIS N   CA   sing N N 129 
HIS N   H    sing N N 130 
HIS N   H2   sing N N 131 
HIS CA  C    sing N N 132 
HIS CA  CB   sing N N 133 
HIS CA  HA   sing N N 134 
HIS C   O    doub N N 135 
HIS C   OXT  sing N N 136 
HIS CB  CG   sing N N 137 
HIS CB  HB2  sing N N 138 
HIS CB  HB3  sing N N 139 
HIS CG  ND1  sing Y N 140 
HIS CG  CD2  doub Y N 141 
HIS ND1 CE1  doub Y N 142 
HIS ND1 HD1  sing N N 143 
HIS CD2 NE2  sing Y N 144 
HIS CD2 HD2  sing N N 145 
HIS CE1 NE2  sing Y N 146 
HIS CE1 HE1  sing N N 147 
HIS NE2 HE2  sing N N 148 
HIS OXT HXT  sing N N 149 
HOH O   H1   sing N N 150 
HOH O   H2   sing N N 151 
ILE N   CA   sing N N 152 
ILE N   H    sing N N 153 
ILE N   H2   sing N N 154 
ILE CA  C    sing N N 155 
ILE CA  CB   sing N N 156 
ILE CA  HA   sing N N 157 
ILE C   O    doub N N 158 
ILE C   OXT  sing N N 159 
ILE CB  CG1  sing N N 160 
ILE CB  CG2  sing N N 161 
ILE CB  HB   sing N N 162 
ILE CG1 CD1  sing N N 163 
ILE CG1 HG12 sing N N 164 
ILE CG1 HG13 sing N N 165 
ILE CG2 HG21 sing N N 166 
ILE CG2 HG22 sing N N 167 
ILE CG2 HG23 sing N N 168 
ILE CD1 HD11 sing N N 169 
ILE CD1 HD12 sing N N 170 
ILE CD1 HD13 sing N N 171 
ILE OXT HXT  sing N N 172 
LEU N   CA   sing N N 173 
LEU N   H    sing N N 174 
LEU N   H2   sing N N 175 
LEU CA  C    sing N N 176 
LEU CA  CB   sing N N 177 
LEU CA  HA   sing N N 178 
LEU C   O    doub N N 179 
LEU C   OXT  sing N N 180 
LEU CB  CG   sing N N 181 
LEU CB  HB2  sing N N 182 
LEU CB  HB3  sing N N 183 
LEU CG  CD1  sing N N 184 
LEU CG  CD2  sing N N 185 
LEU CG  HG   sing N N 186 
LEU CD1 HD11 sing N N 187 
LEU CD1 HD12 sing N N 188 
LEU CD1 HD13 sing N N 189 
LEU CD2 HD21 sing N N 190 
LEU CD2 HD22 sing N N 191 
LEU CD2 HD23 sing N N 192 
LEU OXT HXT  sing N N 193 
LYS N   CA   sing N N 194 
LYS N   H    sing N N 195 
LYS N   H2   sing N N 196 
LYS CA  C    sing N N 197 
LYS CA  CB   sing N N 198 
LYS CA  HA   sing N N 199 
LYS C   O    doub N N 200 
LYS C   OXT  sing N N 201 
LYS CB  CG   sing N N 202 
LYS CB  HB2  sing N N 203 
LYS CB  HB3  sing N N 204 
LYS CG  CD   sing N N 205 
LYS CG  HG2  sing N N 206 
LYS CG  HG3  sing N N 207 
LYS CD  CE   sing N N 208 
LYS CD  HD2  sing N N 209 
LYS CD  HD3  sing N N 210 
LYS CE  NZ   sing N N 211 
LYS CE  HE2  sing N N 212 
LYS CE  HE3  sing N N 213 
LYS NZ  HZ1  sing N N 214 
LYS NZ  HZ2  sing N N 215 
LYS NZ  HZ3  sing N N 216 
LYS OXT HXT  sing N N 217 
MET N   CA   sing N N 218 
MET N   H    sing N N 219 
MET N   H2   sing N N 220 
MET CA  C    sing N N 221 
MET CA  CB   sing N N 222 
MET CA  HA   sing N N 223 
MET C   O    doub N N 224 
MET C   OXT  sing N N 225 
MET CB  CG   sing N N 226 
MET CB  HB2  sing N N 227 
MET CB  HB3  sing N N 228 
MET CG  SD   sing N N 229 
MET CG  HG2  sing N N 230 
MET CG  HG3  sing N N 231 
MET SD  CE   sing N N 232 
MET CE  HE1  sing N N 233 
MET CE  HE2  sing N N 234 
MET CE  HE3  sing N N 235 
MET OXT HXT  sing N N 236 
PHE N   CA   sing N N 237 
PHE N   H    sing N N 238 
PHE N   H2   sing N N 239 
PHE CA  C    sing N N 240 
PHE CA  CB   sing N N 241 
PHE CA  HA   sing N N 242 
PHE C   O    doub N N 243 
PHE C   OXT  sing N N 244 
PHE CB  CG   sing N N 245 
PHE CB  HB2  sing N N 246 
PHE CB  HB3  sing N N 247 
PHE CG  CD1  doub Y N 248 
PHE CG  CD2  sing Y N 249 
PHE CD1 CE1  sing Y N 250 
PHE CD1 HD1  sing N N 251 
PHE CD2 CE2  doub Y N 252 
PHE CD2 HD2  sing N N 253 
PHE CE1 CZ   doub Y N 254 
PHE CE1 HE1  sing N N 255 
PHE CE2 CZ   sing Y N 256 
PHE CE2 HE2  sing N N 257 
PHE CZ  HZ   sing N N 258 
PHE OXT HXT  sing N N 259 
PRO N   CA   sing N N 260 
PRO N   CD   sing N N 261 
PRO N   H    sing N N 262 
PRO CA  C    sing N N 263 
PRO CA  CB   sing N N 264 
PRO CA  HA   sing N N 265 
PRO C   O    doub N N 266 
PRO C   OXT  sing N N 267 
PRO CB  CG   sing N N 268 
PRO CB  HB2  sing N N 269 
PRO CB  HB3  sing N N 270 
PRO CG  CD   sing N N 271 
PRO CG  HG2  sing N N 272 
PRO CG  HG3  sing N N 273 
PRO CD  HD2  sing N N 274 
PRO CD  HD3  sing N N 275 
PRO OXT HXT  sing N N 276 
SER N   CA   sing N N 277 
SER N   H    sing N N 278 
SER N   H2   sing N N 279 
SER CA  C    sing N N 280 
SER CA  CB   sing N N 281 
SER CA  HA   sing N N 282 
SER C   O    doub N N 283 
SER C   OXT  sing N N 284 
SER CB  OG   sing N N 285 
SER CB  HB2  sing N N 286 
SER CB  HB3  sing N N 287 
SER OG  HG   sing N N 288 
SER OXT HXT  sing N N 289 
THR N   CA   sing N N 290 
THR N   H    sing N N 291 
THR N   H2   sing N N 292 
THR CA  C    sing N N 293 
THR CA  CB   sing N N 294 
THR CA  HA   sing N N 295 
THR C   O    doub N N 296 
THR C   OXT  sing N N 297 
THR CB  OG1  sing N N 298 
THR CB  CG2  sing N N 299 
THR CB  HB   sing N N 300 
THR OG1 HG1  sing N N 301 
THR CG2 HG21 sing N N 302 
THR CG2 HG22 sing N N 303 
THR CG2 HG23 sing N N 304 
THR OXT HXT  sing N N 305 
TYR N   CA   sing N N 306 
TYR N   H    sing N N 307 
TYR N   H2   sing N N 308 
TYR CA  C    sing N N 309 
TYR CA  CB   sing N N 310 
TYR CA  HA   sing N N 311 
TYR C   O    doub N N 312 
TYR C   OXT  sing N N 313 
TYR CB  CG   sing N N 314 
TYR CB  HB2  sing N N 315 
TYR CB  HB3  sing N N 316 
TYR CG  CD1  doub Y N 317 
TYR CG  CD2  sing Y N 318 
TYR CD1 CE1  sing Y N 319 
TYR CD1 HD1  sing N N 320 
TYR CD2 CE2  doub Y N 321 
TYR CD2 HD2  sing N N 322 
TYR CE1 CZ   doub Y N 323 
TYR CE1 HE1  sing N N 324 
TYR CE2 CZ   sing Y N 325 
TYR CE2 HE2  sing N N 326 
TYR CZ  OH   sing N N 327 
TYR OH  HH   sing N N 328 
TYR OXT HXT  sing N N 329 
VAL N   CA   sing N N 330 
VAL N   H    sing N N 331 
VAL N   H2   sing N N 332 
VAL CA  C    sing N N 333 
VAL CA  CB   sing N N 334 
VAL CA  HA   sing N N 335 
VAL C   O    doub N N 336 
VAL C   OXT  sing N N 337 
VAL CB  CG1  sing N N 338 
VAL CB  CG2  sing N N 339 
VAL CB  HB   sing N N 340 
VAL CG1 HG11 sing N N 341 
VAL CG1 HG12 sing N N 342 
VAL CG1 HG13 sing N N 343 
VAL CG2 HG21 sing N N 344 
VAL CG2 HG22 sing N N 345 
VAL CG2 HG23 sing N N 346 
VAL OXT HXT  sing N N 347 
# 
_atom_sites.entry_id                    2ZEQ 
_atom_sites.fract_transf_matrix[1][1]   0.00167706 
_atom_sites.fract_transf_matrix[1][2]   -0.00499125 
_atom_sites.fract_transf_matrix[1][3]   -0.02451058 
_atom_sites.fract_transf_matrix[2][1]   0.01981149 
_atom_sites.fract_transf_matrix[2][2]   0.00802357 
_atom_sites.fract_transf_matrix[2][3]   -0.01309893 
_atom_sites.fract_transf_matrix[3][1]   0.00738983 
_atom_sites.fract_transf_matrix[3][2]   -0.01307461 
_atom_sites.fract_transf_matrix[3][3]   0.00316809 
_atom_sites.fract_transf_vector[1]      0.927551 
_atom_sites.fract_transf_vector[2]      1.482607 
_atom_sites.fract_transf_vector[3]      -0.049359 
# 
loop_
_atom_type.symbol 
C 
N 
O 
S 
# 
loop_
_atom_site.group_PDB 
_atom_site.id 
_atom_site.type_symbol 
_atom_site.label_atom_id 
_atom_site.label_alt_id 
_atom_site.label_comp_id 
_atom_site.label_asym_id 
_atom_site.label_entity_id 
_atom_site.label_seq_id 
_atom_site.pdbx_PDB_ins_code 
_atom_site.Cartn_x 
_atom_site.Cartn_y 
_atom_site.Cartn_z 
_atom_site.occupancy 
_atom_site.B_iso_or_equiv 
_atom_site.pdbx_formal_charge 
_atom_site.auth_seq_id 
_atom_site.auth_comp_id 
_atom_site.auth_asym_id 
_atom_site.auth_atom_id 
_atom_site.pdbx_PDB_model_num 
ATOM   1   N N   . MET A 1 1  ? 6.898   -2.813  18.451  1.00 69.41 ? 1   MET A N   1 
ATOM   2   C CA  . MET A 1 1  ? 6.015   -3.832  17.825  1.00 62.76 ? 1   MET A CA  1 
ATOM   3   C C   . MET A 1 1  ? 4.812   -3.214  17.154  1.00 60.58 ? 1   MET A C   1 
ATOM   4   O O   . MET A 1 1  ? 4.098   -2.392  17.733  1.00 62.62 ? 1   MET A O   1 
ATOM   5   C CB  . MET A 1 1  ? 5.594   -4.874  18.854  1.00 58.06 ? 1   MET A CB  1 
ATOM   6   C CG  . MET A 1 1  ? 6.550   -6.046  18.898  1.00 58.32 ? 1   MET A CG  1 
ATOM   7   S SD  . MET A 1 1  ? 8.276   -5.623  19.304  1.00 39.99 ? 1   MET A SD  1 
ATOM   8   C CE  . MET A 1 1  ? 8.881   -4.865  17.809  1.00 60.93 ? 1   MET A CE  1 
ATOM   9   N N   . GLY A 1 2  ? 4.586   -3.656  15.923  1.00 57.07 ? 2   GLY A N   1 
ATOM   10  C CA  . GLY A 1 2  ? 3.526   -3.112  15.113  1.00 45.26 ? 2   GLY A CA  1 
ATOM   11  C C   . GLY A 1 2  ? 4.341   -2.077  14.367  1.00 36.94 ? 2   GLY A C   1 
ATOM   12  O O   . GLY A 1 2  ? 4.858   -1.136  14.973  1.00 44.06 ? 2   GLY A O   1 
ATOM   13  N N   . MET A 1 3  ? 4.488   -2.266  13.065  1.00 24.02 ? 3   MET A N   1 
ATOM   14  C CA  . MET A 1 3  ? 5.266   -1.363  12.249  1.00 15.95 ? 3   MET A CA  1 
ATOM   15  C C   . MET A 1 3  ? 4.348   -0.322  11.642  1.00 16.06 ? 3   MET A C   1 
ATOM   16  O O   . MET A 1 3  ? 3.135   -0.535  11.563  1.00 17.86 ? 3   MET A O   1 
ATOM   17  C CB  . MET A 1 3  ? 5.944   -2.155  11.136  1.00 15.85 ? 3   MET A CB  1 
ATOM   18  C CG  . MET A 1 3  ? 6.614   -3.446  11.632  1.00 22.91 ? 3   MET A CG  1 
ATOM   19  S SD  . MET A 1 3  ? 6.746   -4.678  10.356  1.00 24.50 ? 3   MET A SD  1 
ATOM   20  C CE  . MET A 1 3  ? 7.989   -3.856  9.268   1.00 13.97 ? 3   MET A CE  1 
ATOM   21  N N   . ILE A 1 4  ? 4.928   0.797   11.222  1.00 10.80 ? 4   ILE A N   1 
ATOM   22  C CA  . ILE A 1 4  ? 4.168   1.855   10.542  1.00 9.01  ? 4   ILE A CA  1 
ATOM   23  C C   . ILE A 1 4  ? 4.713   1.900   9.104   1.00 15.20 ? 4   ILE A C   1 
ATOM   24  O O   . ILE A 1 4  ? 5.921   1.863   8.914   1.00 21.10 ? 4   ILE A O   1 
ATOM   25  C CB  . ILE A 1 4  ? 4.453   3.243   11.124  1.00 11.95 ? 4   ILE A CB  1 
ATOM   26  C CG1 . ILE A 1 4  ? 3.774   3.397   12.493  1.00 16.50 ? 4   ILE A CG1 1 
ATOM   27  C CG2 . ILE A 1 4  ? 4.083   4.334   10.091  1.00 19.76 ? 4   ILE A CG2 1 
ATOM   28  C CD1 . ILE A 1 4  ? 2.240   3.540   12.464  1.00 19.73 ? 4   ILE A CD1 1 
ATOM   29  N N   . VAL A 1 5  ? 3.821   1.948   8.111   1.00 11.23 ? 5   VAL A N   1 
ATOM   30  C CA  . VAL A 1 5  ? 4.216   2.120   6.715   1.00 10.08 ? 5   VAL A CA  1 
ATOM   31  C C   . VAL A 1 5  ? 3.371   3.315   6.277   1.00 14.92 ? 5   VAL A C   1 
ATOM   32  O O   . VAL A 1 5  ? 2.195   3.403   6.679   1.00 18.25 ? 5   VAL A O   1 
ATOM   33  C CB  . VAL A 1 5  ? 3.882   0.867   5.847   1.00 19.44 ? 5   VAL A CB  1 
ATOM   34  C CG1 . VAL A 1 5  ? 4.677   -0.308  6.334   1.00 15.96 ? 5   VAL A CG1 1 
ATOM   35  C CG2 . VAL A 1 5  ? 2.413   0.536   5.919   1.00 18.71 ? 5   VAL A CG2 1 
ATOM   36  N N   . PHE A 1 6  ? 3.926   4.267   5.519   1.00 9.62  ? 6   PHE A N   1 
ATOM   37  C CA  . PHE A 1 6  ? 3.098   5.433   5.142   1.00 5.76  ? 6   PHE A CA  1 
ATOM   38  C C   . PHE A 1 6  ? 2.483   5.170   3.789   1.00 7.10  ? 6   PHE A C   1 
ATOM   39  O O   . PHE A 1 6  ? 3.132   4.616   2.913   1.00 16.32 ? 6   PHE A O   1 
ATOM   40  C CB  . PHE A 1 6  ? 3.938   6.728   5.060   1.00 7.96  ? 6   PHE A CB  1 
ATOM   41  C CG  . PHE A 1 6  ? 4.631   7.084   6.368   1.00 12.08 ? 6   PHE A CG  1 
ATOM   42  C CD1 . PHE A 1 6  ? 5.911   6.584   6.664   1.00 16.25 ? 6   PHE A CD1 1 
ATOM   43  C CD2 . PHE A 1 6  ? 3.961   7.834   7.334   1.00 11.53 ? 6   PHE A CD2 1 
ATOM   44  C CE1 . PHE A 1 6  ? 6.504   6.824   7.928   1.00 12.92 ? 6   PHE A CE1 1 
ATOM   45  C CE2 . PHE A 1 6  ? 4.556   8.066   8.598   1.00 8.23  ? 6   PHE A CE2 1 
ATOM   46  C CZ  . PHE A 1 6  ? 5.813   7.556   8.872   1.00 10.13 ? 6   PHE A CZ  1 
ATOM   47  N N   . VAL A 1 7  ? 1.244   5.599   3.616   1.00 9.79  ? 7   VAL A N   1 
ATOM   48  C CA  . VAL A 1 7  ? 0.552   5.348   2.356   1.00 11.56 ? 7   VAL A CA  1 
ATOM   49  C C   . VAL A 1 7  ? 0.174   6.622   1.646   1.00 8.23  ? 7   VAL A C   1 
ATOM   50  O O   . VAL A 1 7  ? -0.615  7.438   2.156   1.00 7.38  ? 7   VAL A O   1 
ATOM   51  C CB  . VAL A 1 7  ? -0.718  4.477   2.598   1.00 13.25 ? 7   VAL A CB  1 
ATOM   52  C CG1 . VAL A 1 7  ? -1.597  4.414   1.315   1.00 15.98 ? 7   VAL A CG1 1 
ATOM   53  C CG2 . VAL A 1 7  ? -0.290  3.089   3.017   1.00 13.33 ? 7   VAL A CG2 1 
ATOM   54  N N   . ARG A 1 8  ? 0.744   6.799   0.455   1.00 9.38  ? 8   ARG A N   1 
ATOM   55  C CA  . ARG A 1 8  ? 0.464   7.976   -0.342  1.00 13.39 ? 8   ARG A CA  1 
ATOM   56  C C   . ARG A 1 8  ? -0.475  7.635   -1.505  1.00 13.93 ? 8   ARG A C   1 
ATOM   57  O O   . ARG A 1 8  ? -0.148  6.799   -2.335  1.00 18.75 ? 8   ARG A O   1 
ATOM   58  C CB  . ARG A 1 8  ? 1.776   8.555   -0.873  1.00 8.91  ? 8   ARG A CB  1 
ATOM   59  C CG  . ARG A 1 8  ? 1.596   9.718   -1.826  1.00 21.78 ? 8   ARG A CG  1 
ATOM   60  C CD  . ARG A 1 8  ? 2.879   10.528  -1.962  1.00 22.53 ? 8   ARG A CD  1 
ATOM   61  N NE  . ARG A 1 8  ? 3.848   9.868   -2.836  1.00 20.64 ? 8   ARG A NE  1 
ATOM   62  C CZ  . ARG A 1 8  ? 3.944   10.073  -4.144  1.00 28.05 ? 8   ARG A CZ  1 
ATOM   63  N NH1 . ARG A 1 8  ? 3.126   10.931  -4.763  1.00 25.22 ? 8   ARG A NH1 1 
ATOM   64  N NH2 . ARG A 1 8  ? 4.878   9.434   -4.825  1.00 31.51 ? 8   ARG A NH2 1 
ATOM   65  N N   . PHE A 1 9  ? -1.643  8.267   -1.530  1.00 10.23 ? 9   PHE A N   1 
ATOM   66  C CA  . PHE A 1 9  ? -2.642  8.062   -2.604  1.00 7.21  ? 9   PHE A CA  1 
ATOM   67  C C   . PHE A 1 9  ? -3.164  9.422   -3.060  1.00 14.07 ? 9   PHE A C   1 
ATOM   68  O O   . PHE A 1 9  ? -3.869  10.092  -2.313  1.00 22.88 ? 9   PHE A O   1 
ATOM   69  C CB  . PHE A 1 9  ? -3.851  7.303   -2.108  1.00 9.22  ? 9   PHE A CB  1 
ATOM   70  C CG  . PHE A 1 9  ? -4.910  7.113   -3.173  1.00 11.49 ? 9   PHE A CG  1 
ATOM   71  C CD1 . PHE A 1 9  ? -4.808  6.086   -4.095  1.00 18.65 ? 9   PHE A CD1 1 
ATOM   72  C CD2 . PHE A 1 9  ? -5.991  7.996   -3.271  1.00 17.40 ? 9   PHE A CD2 1 
ATOM   73  C CE1 . PHE A 1 9  ? -5.751  5.924   -5.101  1.00 18.60 ? 9   PHE A CE1 1 
ATOM   74  C CE2 . PHE A 1 9  ? -6.944  7.847   -4.269  1.00 15.97 ? 9   PHE A CE2 1 
ATOM   75  C CZ  . PHE A 1 9  ? -6.819  6.794   -5.195  1.00 17.11 ? 9   PHE A CZ  1 
ATOM   76  N N   . ASN A 1 10 ? -2.848  9.797   -4.285  1.00 24.26 ? 10  ASN A N   1 
ATOM   77  C CA  . ASN A 1 10 ? -3.294  11.066  -4.833  1.00 29.74 ? 10  ASN A CA  1 
ATOM   78  C C   . ASN A 1 10 ? -2.984  12.207  -3.869  1.00 32.54 ? 10  ASN A C   1 
ATOM   79  O O   . ASN A 1 10 ? -3.823  13.082  -3.623  1.00 29.55 ? 10  ASN A O   1 
ATOM   80  C CB  . ASN A 1 10 ? -4.793  11.025  -5.088  1.00 34.51 ? 10  ASN A CB  1 
ATOM   81  C CG  . ASN A 1 10 ? -5.168  11.754  -6.335  1.00 39.02 ? 10  ASN A CG  1 
ATOM   82  O OD1 . ASN A 1 10 ? -5.954  11.250  -7.141  1.00 29.32 ? 10  ASN A OD1 1 
ATOM   83  N ND2 . ASN A 1 10 ? -4.616  12.955  -6.513  1.00 48.22 ? 10  ASN A ND2 1 
ATOM   84  N N   . SER A 1 11 ? -1.775  12.184  -3.320  1.00 28.56 ? 11  SER A N   1 
ATOM   85  C CA  . SER A 1 11 ? -1.363  13.212  -2.391  1.00 25.81 ? 11  SER A CA  1 
ATOM   86  C C   . SER A 1 11 ? 0.139   13.405  -2.451  1.00 29.68 ? 11  SER A C   1 
ATOM   87  O O   . SER A 1 11 ? 0.853   12.557  -3.003  1.00 29.68 ? 11  SER A O   1 
ATOM   88  C CB  . SER A 1 11 ? -1.758  12.794  -0.980  1.00 26.91 ? 11  SER A CB  1 
ATOM   89  O OG  . SER A 1 11 ? -1.111  13.597  -0.005  1.00 18.61 ? 11  SER A OG  1 
ATOM   90  N N   . SER A 1 12 ? 0.611   14.509  -1.862  1.00 29.61 ? 12  SER A N   1 
ATOM   91  C CA  . SER A 1 12 ? 2.044   14.794  -1.790  1.00 30.43 ? 12  SER A CA  1 
ATOM   92  C C   . SER A 1 12 ? 2.617   14.113  -0.544  1.00 30.67 ? 12  SER A C   1 
ATOM   93  O O   . SER A 1 12 ? 3.834   13.968  -0.407  1.00 25.50 ? 12  SER A O   1 
ATOM   94  C CB  . SER A 1 12 ? 2.299   16.305  -1.720  1.00 27.26 ? 12  SER A CB  1 
ATOM   95  O OG  . SER A 1 12 ? 1.629   16.898  -0.615  1.00 33.84 ? 12  SER A OG  1 
ATOM   96  N N   . TYR A 1 13 ? 1.751   13.685  0.372   1.00 26.76 ? 13  TYR A N   1 
ATOM   97  C CA  . TYR A 1 13 ? 2.246   13.002  1.573   1.00 20.32 ? 13  TYR A CA  1 
ATOM   98  C C   . TYR A 1 13 ? 1.434   11.762  1.960   1.00 18.04 ? 13  TYR A C   1 
ATOM   99  O O   . TYR A 1 13 ? 0.247   11.655  1.657   1.00 17.83 ? 13  TYR A O   1 
ATOM   100 C CB  . TYR A 1 13 ? 2.280   13.974  2.747   1.00 27.18 ? 13  TYR A CB  1 
ATOM   101 C CG  . TYR A 1 13 ? 0.902   14.288  3.261   1.00 21.06 ? 13  TYR A CG  1 
ATOM   102 C CD1 . TYR A 1 13 ? 0.288   13.462  4.212   1.00 23.07 ? 13  TYR A CD1 1 
ATOM   103 C CD2 . TYR A 1 13 ? 0.184   15.377  2.760   1.00 19.86 ? 13  TYR A CD2 1 
ATOM   104 C CE1 . TYR A 1 13 ? -1.001  13.714  4.651   1.00 20.58 ? 13  TYR A CE1 1 
ATOM   105 C CE2 . TYR A 1 13 ? -1.116  15.631  3.190   1.00 17.93 ? 13  TYR A CE2 1 
ATOM   106 C CZ  . TYR A 1 13 ? -1.694  14.794  4.134   1.00 20.87 ? 13  TYR A CZ  1 
ATOM   107 O OH  . TYR A 1 13 ? -2.985  15.012  4.539   1.00 30.71 ? 13  TYR A OH  1 
ATOM   108 N N   . GLY A 1 14 ? 2.086   10.844  2.667   1.00 12.86 ? 14  GLY A N   1 
ATOM   109 C CA  . GLY A 1 14 ? 1.465   9.599   3.048   1.00 8.06  ? 14  GLY A CA  1 
ATOM   110 C C   . GLY A 1 14 ? 0.971   9.509   4.464   1.00 15.48 ? 14  GLY A C   1 
ATOM   111 O O   . GLY A 1 14 ? 1.636   10.015  5.394   1.00 10.91 ? 14  GLY A O   1 
ATOM   112 N N   . PHE A 1 15 ? -0.196  8.891   4.636   1.00 5.75  ? 15  PHE A N   1 
ATOM   113 C CA  . PHE A 1 15 ? -0.749  8.727   5.981   1.00 9.30  ? 15  PHE A CA  1 
ATOM   114 C C   . PHE A 1 15 ? -0.202  7.453   6.602   1.00 9.06  ? 15  PHE A C   1 
ATOM   115 O O   . PHE A 1 15 ? 0.091   6.485   5.882   1.00 9.64  ? 15  PHE A O   1 
ATOM   116 C CB  . PHE A 1 15 ? -2.272  8.724   5.961   1.00 11.90 ? 15  PHE A CB  1 
ATOM   117 C CG  . PHE A 1 15 ? -2.878  7.679   5.067   1.00 11.12 ? 15  PHE A CG  1 
ATOM   118 C CD1 . PHE A 1 15 ? -3.145  6.398   5.537   1.00 10.78 ? 15  PHE A CD1 1 
ATOM   119 C CD2 . PHE A 1 15 ? -3.273  8.018   3.760   1.00 11.79 ? 15  PHE A CD2 1 
ATOM   120 C CE1 . PHE A 1 15 ? -3.813  5.471   4.715   1.00 14.25 ? 15  PHE A CE1 1 
ATOM   121 C CE2 . PHE A 1 15 ? -3.931  7.096   2.962   1.00 16.85 ? 15  PHE A CE2 1 
ATOM   122 C CZ  . PHE A 1 15 ? -4.197  5.847   3.429   1.00 8.66  ? 15  PHE A CZ  1 
ATOM   123 N N   . PRO A 1 16 ? -0.056  7.424   7.951   1.00 5.38  ? 16  PRO A N   1 
ATOM   124 C CA  . PRO A 1 16 ? 0.491   6.268   8.669   1.00 3.74  ? 16  PRO A CA  1 
ATOM   125 C C   . PRO A 1 16 ? -0.506  5.159   8.875   1.00 8.68  ? 16  PRO A C   1 
ATOM   126 O O   . PRO A 1 16 ? -1.611  5.383   9.356   1.00 11.74 ? 16  PRO A O   1 
ATOM   127 C CB  . PRO A 1 16 ? 0.973   6.880   9.998   1.00 7.47  ? 16  PRO A CB  1 
ATOM   128 C CG  . PRO A 1 16 ? -0.018  7.957   10.244  1.00 8.88  ? 16  PRO A CG  1 
ATOM   129 C CD  . PRO A 1 16 ? -0.256  8.560   8.864   1.00 7.09  ? 16  PRO A CD  1 
ATOM   130 N N   . VAL A 1 17 ? -0.058  3.957   8.548   1.00 6.64  ? 17  VAL A N   1 
ATOM   131 C CA  . VAL A 1 17 ? -0.837  2.745   8.678   1.00 9.07  ? 17  VAL A CA  1 
ATOM   132 C C   . VAL A 1 17 ? -0.066  1.723   9.525   1.00 9.35  ? 17  VAL A C   1 
ATOM   133 O O   . VAL A 1 17 ? 1.077   1.388   9.204   1.00 9.88  ? 17  VAL A O   1 
ATOM   134 C CB  . VAL A 1 17 ? -1.098  2.128   7.264   1.00 5.54  ? 17  VAL A CB  1 
ATOM   135 C CG1 . VAL A 1 17 ? -1.918  0.834   7.376   1.00 8.62  ? 17  VAL A CG1 1 
ATOM   136 C CG2 . VAL A 1 17 ? -1.857  3.142   6.406   1.00 12.63 ? 17  VAL A CG2 1 
ATOM   137 N N   . GLU A 1 18 ? -0.699  1.227   10.584  1.00 9.24  ? 18  GLU A N   1 
ATOM   138 C CA  . GLU A 1 18 ? -0.095  0.223   11.469  1.00 13.82 ? 18  GLU A CA  1 
ATOM   139 C C   . GLU A 1 18 ? -0.261  -1.105  10.773  1.00 14.81 ? 18  GLU A C   1 
ATOM   140 O O   . GLU A 1 18 ? -1.384  -1.485  10.442  1.00 13.89 ? 18  GLU A O   1 
ATOM   141 C CB  . GLU A 1 18 ? -0.832  0.143   12.805  1.00 20.05 ? 18  GLU A CB  1 
ATOM   142 C CG  . GLU A 1 18 ? -0.056  -0.652  13.835  1.00 25.07 ? 18  GLU A CG  1 
ATOM   143 C CD  . GLU A 1 18 ? 1.173   0.108   14.314  1.00 31.48 ? 18  GLU A CD  1 
ATOM   144 O OE1 . GLU A 1 18 ? 2.097   -0.518  14.856  1.00 38.82 ? 18  GLU A OE1 1 
ATOM   145 O OE2 . GLU A 1 18 ? 1.207   1.344   14.157  1.00 37.98 ? 18  GLU A OE2 1 
ATOM   146 N N   . VAL A 1 19 ? 0.849   -1.812  10.554  1.00 9.52  ? 19  VAL A N   1 
ATOM   147 C CA  . VAL A 1 19 ? 0.812   -3.105  9.876   1.00 13.50 ? 19  VAL A CA  1 
ATOM   148 C C   . VAL A 1 19 ? 1.779   -3.986  10.645  1.00 10.92 ? 19  VAL A C   1 
ATOM   149 O O   . VAL A 1 19 ? 2.375   -3.545  11.629  1.00 10.96 ? 19  VAL A O   1 
ATOM   150 C CB  . VAL A 1 19 ? 1.355   -3.012  8.399   1.00 13.92 ? 19  VAL A CB  1 
ATOM   151 C CG1 . VAL A 1 19 ? 0.527   -2.006  7.588   1.00 15.89 ? 19  VAL A CG1 1 
ATOM   152 C CG2 . VAL A 1 19 ? 2.892   -2.593  8.392   1.00 11.10 ? 19  VAL A CG2 1 
ATOM   153 N N   . ASP A 1 20 ? 1.860   -5.255  10.268  1.00 12.34 ? 20  ASP A N   1 
ATOM   154 C CA  . ASP A 1 20 ? 2.912   -6.065  10.864  1.00 18.31 ? 20  ASP A CA  1 
ATOM   155 C C   . ASP A 1 20 ? 3.457   -7.019  9.805   1.00 19.37 ? 20  ASP A C   1 
ATOM   156 O O   . ASP A 1 20 ? 3.036   -6.961  8.659   1.00 15.92 ? 20  ASP A O   1 
ATOM   157 C CB  . ASP A 1 20 ? 2.492   -6.777  12.167  1.00 16.67 ? 20  ASP A CB  1 
ATOM   158 C CG  . ASP A 1 20 ? 1.427   -7.784  11.990  1.00 13.11 ? 20  ASP A CG  1 
ATOM   159 O OD1 . ASP A 1 20 ? 1.224   -8.293  10.872  1.00 11.71 ? 20  ASP A OD1 1 
ATOM   160 O OD2 . ASP A 1 20 ? 0.774   -8.098  13.032  1.00 15.08 ? 20  ASP A OD2 1 
ATOM   161 N N   . SER A 1 21 ? 4.398   -7.879  10.169  1.00 22.52 ? 21  SER A N   1 
ATOM   162 C CA  . SER A 1 21 ? 5.002   -8.809  9.199   1.00 19.47 ? 21  SER A CA  1 
ATOM   163 C C   . SER A 1 21 ? 4.020   -9.655  8.388   1.00 23.05 ? 21  SER A C   1 
ATOM   164 O O   . SER A 1 21 ? 4.314   -10.043 7.248   1.00 24.83 ? 21  SER A O   1 
ATOM   165 C CB  . SER A 1 21 ? 5.970   -9.762  9.937   1.00 24.47 ? 21  SER A CB  1 
ATOM   166 O OG  . SER A 1 21 ? 6.868   -9.027  10.742  1.00 26.54 ? 21  SER A OG  1 
ATOM   167 N N   . ASP A 1 22 ? 2.849   -9.930  8.954   1.00 22.41 ? 22  ASP A N   1 
ATOM   168 C CA  . ASP A 1 22 ? 1.846   -10.749 8.306   1.00 16.94 ? 22  ASP A CA  1 
ATOM   169 C C   . ASP A 1 22 ? 0.831   -10.030 7.440   1.00 15.59 ? 22  ASP A C   1 
ATOM   170 O O   . ASP A 1 22 ? -0.048  -10.653 6.878   1.00 17.93 ? 22  ASP A O   1 
ATOM   171 C CB  . ASP A 1 22 ? 1.067   -11.561 9.356   1.00 23.72 ? 22  ASP A CB  1 
ATOM   172 C CG  . ASP A 1 22 ? 1.937   -12.576 10.053  1.00 31.04 ? 22  ASP A CG  1 
ATOM   173 O OD1 . ASP A 1 22 ? 3.111   -12.692 9.637   1.00 24.29 ? 22  ASP A OD1 1 
ATOM   174 O OD2 . ASP A 1 22 ? 1.468   -13.238 11.005  1.00 20.56 ? 22  ASP A OD2 1 
ATOM   175 N N   . THR A 1 23 ? 0.949   -8.719  7.342   1.00 12.39 ? 23  THR A N   1 
ATOM   176 C CA  . THR A 1 23 ? 0.003   -7.944  6.560   1.00 4.28  ? 23  THR A CA  1 
ATOM   177 C C   . THR A 1 23 ? 0.402   -8.100  5.103   1.00 12.17 ? 23  THR A C   1 
ATOM   178 O O   . THR A 1 23 ? 1.580   -8.035  4.773   1.00 12.37 ? 23  THR A O   1 
ATOM   179 C CB  . THR A 1 23 ? 0.086   -6.483  6.942   1.00 10.32 ? 23  THR A CB  1 
ATOM   180 O OG1 . THR A 1 23 ? -0.237  -6.351  8.344   1.00 11.98 ? 23  THR A OG1 1 
ATOM   181 C CG2 . THR A 1 23 ? -0.863  -5.640  6.067   1.00 13.42 ? 23  THR A CG2 1 
ATOM   182 N N   . SER A 1 24 ? -0.592  -8.369  4.265   1.00 13.57 ? 24  SER A N   1 
ATOM   183 C CA  . SER A 1 24 ? -0.362  -8.496  2.833   1.00 17.12 ? 24  SER A CA  1 
ATOM   184 C C   . SER A 1 24 ? -0.601  -7.176  2.069   1.00 13.24 ? 24  SER A C   1 
ATOM   185 O O   . SER A 1 24 ? -1.161  -6.185  2.578   1.00 10.51 ? 24  SER A O   1 
ATOM   186 C CB  . SER A 1 24 ? -1.275  -9.583  2.265   1.00 13.74 ? 24  SER A CB  1 
ATOM   187 O OG  . SER A 1 24 ? -2.614  -9.201  2.359   1.00 15.72 ? 24  SER A OG  1 
ATOM   188 N N   . ILE A 1 25 ? -0.161  -7.172  0.820   1.00 5.93  ? 25  ILE A N   1 
ATOM   189 C CA  . ILE A 1 25 ? -0.319  -5.986  -0.030  1.00 10.34 ? 25  ILE A CA  1 
ATOM   190 C C   . ILE A 1 25 ? -1.820  -5.838  -0.320  1.00 5.64  ? 25  ILE A C   1 
ATOM   191 O O   . ILE A 1 25 ? -2.362  -4.724  -0.353  1.00 10.88 ? 25  ILE A O   1 
ATOM   192 C CB  . ILE A 1 25 ? 0.447   -6.201  -1.362  1.00 11.72 ? 25  ILE A CB  1 
ATOM   193 C CG1 . ILE A 1 25 ? 1.942   -6.378  -1.082  1.00 11.51 ? 25  ILE A CG1 1 
ATOM   194 C CG2 . ILE A 1 25 ? 0.092   -5.098  -2.352  1.00 10.15 ? 25  ILE A CG2 1 
ATOM   195 C CD1 . ILE A 1 25 ? 2.592   -5.352  -0.203  1.00 20.81 ? 25  ILE A CD1 1 
ATOM   196 N N   . LEU A 1 26 ? -2.518  -6.956  -0.539  1.00 11.20 ? 26  LEU A N   1 
ATOM   197 C CA  . LEU A 1 26 ? -3.962  -6.846  -0.786  1.00 10.82 ? 26  LEU A CA  1 
ATOM   198 C C   . LEU A 1 26 ? -4.656  -6.134  0.386   1.00 12.14 ? 26  LEU A C   1 
ATOM   199 O O   . LEU A 1 26 ? -5.460  -5.231  0.167   1.00 8.16  ? 26  LEU A O   1 
ATOM   200 C CB  . LEU A 1 26 ? -4.622  -8.224  -1.025  1.00 11.75 ? 26  LEU A CB  1 
ATOM   201 C CG  . LEU A 1 26 ? -6.158  -8.310  -1.133  1.00 16.20 ? 26  LEU A CG  1 
ATOM   202 C CD1 . LEU A 1 26 ? -6.642  -7.435  -2.265  1.00 14.87 ? 26  LEU A CD1 1 
ATOM   203 C CD2 . LEU A 1 26 ? -6.600  -9.760  -1.330  1.00 19.38 ? 26  LEU A CD2 1 
ATOM   204 N N   . GLN A 1 27 ? -4.345  -6.525  1.625   1.00 10.99 ? 27  GLN A N   1 
ATOM   205 C CA  . GLN A 1 27 ? -4.937  -5.881  2.807   1.00 10.58 ? 27  GLN A CA  1 
ATOM   206 C C   . GLN A 1 27 ? -4.629  -4.392  2.911   1.00 9.28  ? 27  GLN A C   1 
ATOM   207 O O   . GLN A 1 27 ? -5.499  -3.603  3.271   1.00 9.92  ? 27  GLN A O   1 
ATOM   208 C CB  . GLN A 1 27 ? -4.470  -6.592  4.101   1.00 7.96  ? 27  GLN A CB  1 
ATOM   209 C CG  . GLN A 1 27 ? -5.047  -7.991  4.257   1.00 18.34 ? 27  GLN A CG  1 
ATOM   210 C CD  . GLN A 1 27 ? -4.444  -8.737  5.429   1.00 20.91 ? 27  GLN A CD  1 
ATOM   211 O OE1 . GLN A 1 27 ? -3.333  -8.433  5.875   1.00 12.08 ? 27  GLN A OE1 1 
ATOM   212 N NE2 . GLN A 1 27 ? -5.177  -9.718  5.936   1.00 24.05 ? 27  GLN A NE2 1 
ATOM   213 N N   . LEU A 1 28 ? -3.400  -3.996  2.590   1.00 8.94  ? 28  LEU A N   1 
ATOM   214 C CA  . LEU A 1 28 ? -3.013  -2.604  2.618   1.00 18.26 ? 28  LEU A CA  1 
ATOM   215 C C   . LEU A 1 28 ? -3.856  -1.863  1.556   1.00 17.12 ? 28  LEU A C   1 
ATOM   216 O O   . LEU A 1 28 ? -4.389  -0.794  1.815   1.00 11.90 ? 28  LEU A O   1 
ATOM   217 C CB  . LEU A 1 28 ? -1.514  -2.502  2.316   1.00 17.30 ? 28  LEU A CB  1 
ATOM   218 C CG  . LEU A 1 28 ? -0.757  -1.206  2.457   1.00 29.98 ? 28  LEU A CG  1 
ATOM   219 C CD1 . LEU A 1 28 ? -0.979  -0.614  3.879   1.00 17.19 ? 28  LEU A CD1 1 
ATOM   220 C CD2 . LEU A 1 28 ? 0.729   -1.527  2.167   1.00 22.05 ? 28  LEU A CD2 1 
ATOM   221 N N   . LYS A 1 29 ? -3.986  -2.439  0.358   1.00 11.82 ? 29  LYS A N   1 
ATOM   222 C CA  . LYS A 1 29 ? -4.813  -1.829  -0.691  1.00 8.23  ? 29  LYS A CA  1 
ATOM   223 C C   . LYS A 1 29 ? -6.256  -1.647  -0.194  1.00 12.88 ? 29  LYS A C   1 
ATOM   224 O O   . LYS A 1 29 ? -6.942  -0.679  -0.544  1.00 12.66 ? 29  LYS A O   1 
ATOM   225 C CB  . LYS A 1 29 ? -4.874  -2.733  -1.940  1.00 17.35 ? 29  LYS A CB  1 
ATOM   226 C CG  . LYS A 1 29 ? -3.690  -2.603  -2.878  1.00 20.22 ? 29  LYS A CG  1 
ATOM   227 C CD  . LYS A 1 29 ? -3.590  -3.733  -3.916  1.00 29.95 ? 29  LYS A CD  1 
ATOM   228 C CE  . LYS A 1 29 ? -4.918  -4.175  -4.504  1.00 29.61 ? 29  LYS A CE  1 
ATOM   229 N NZ  . LYS A 1 29 ? -4.756  -4.898  -5.824  1.00 28.35 ? 29  LYS A NZ  1 
ATOM   230 N N   . GLU A 1 30 ? -6.736  -2.584  0.608   1.00 12.58 ? 30  GLU A N   1 
ATOM   231 C CA  . GLU A 1 30 ? -8.113  -2.502  1.085   1.00 12.81 ? 30  GLU A CA  1 
ATOM   232 C C   . GLU A 1 30 ? -8.355  -1.278  2.008   1.00 13.23 ? 30  GLU A C   1 
ATOM   233 O O   . GLU A 1 30 ? -9.472  -0.745  2.048   1.00 17.23 ? 30  GLU A O   1 
ATOM   234 C CB  . GLU A 1 30 ? -8.511  -3.831  1.764   1.00 9.44  ? 30  GLU A CB  1 
ATOM   235 C CG  . GLU A 1 30 ? -8.720  -5.007  0.765   1.00 21.50 ? 30  GLU A CG  1 
ATOM   236 C CD  . GLU A 1 30 ? -8.916  -6.340  1.473   1.00 25.51 ? 30  GLU A CD  1 
ATOM   237 O OE1 . GLU A 1 30 ? -9.321  -7.310  0.814   1.00 30.28 ? 30  GLU A OE1 1 
ATOM   238 O OE2 . GLU A 1 30 ? -8.662  -6.416  2.699   1.00 28.21 ? 30  GLU A OE2 1 
ATOM   239 N N   . VAL A 1 31 ? -7.322  -0.833  2.723   1.00 14.99 ? 31  VAL A N   1 
ATOM   240 C CA  . VAL A 1 31 ? -7.402  0.381   3.586   1.00 15.19 ? 31  VAL A CA  1 
ATOM   241 C C   . VAL A 1 31 ? -7.685  1.586   2.680   1.00 14.49 ? 31  VAL A C   1 
ATOM   242 O O   . VAL A 1 31 ? -8.483  2.464   3.004   1.00 17.82 ? 31  VAL A O   1 
ATOM   243 C CB  . VAL A 1 31 ? -6.067  0.645   4.339   1.00 15.58 ? 31  VAL A CB  1 
ATOM   244 C CG1 . VAL A 1 31 ? -6.092  2.052   4.980   1.00 16.96 ? 31  VAL A CG1 1 
ATOM   245 C CG2 . VAL A 1 31 ? -5.822  -0.446  5.364   1.00 20.90 ? 31  VAL A CG2 1 
ATOM   246 N N   . VAL A 1 32 ? -7.032  1.629   1.523   1.00 10.13 ? 32  VAL A N   1 
ATOM   247 C CA  . VAL A 1 32 ? -7.290  2.709   0.587   1.00 14.23 ? 32  VAL A CA  1 
ATOM   248 C C   . VAL A 1 32 ? -8.612  2.519   -0.154  1.00 13.79 ? 32  VAL A C   1 
ATOM   249 O O   . VAL A 1 32 ? -9.294  3.496   -0.487  1.00 19.73 ? 32  VAL A O   1 
ATOM   250 C CB  . VAL A 1 32 ? -6.131  2.822   -0.452  1.00 11.89 ? 32  VAL A CB  1 
ATOM   251 C CG1 . VAL A 1 32 ? -6.519  3.781   -1.582  1.00 19.03 ? 32  VAL A CG1 1 
ATOM   252 C CG2 . VAL A 1 32 ? -4.883  3.291   0.269   1.00 13.25 ? 32  VAL A CG2 1 
ATOM   253 N N   . ALA A 1 33 ? -8.992  1.279   -0.450  1.00 11.30 ? 33  ALA A N   1 
ATOM   254 C CA  . ALA A 1 33 ? -10.262 1.101   -1.189  1.00 10.68 ? 33  ALA A CA  1 
ATOM   255 C C   . ALA A 1 33 ? -11.450 1.614   -0.372  1.00 21.04 ? 33  ALA A C   1 
ATOM   256 O O   . ALA A 1 33 ? -12.433 2.182   -0.918  1.00 17.99 ? 33  ALA A O   1 
ATOM   257 C CB  . ALA A 1 33 ? -10.455 -0.369  -1.556  1.00 13.79 ? 33  ALA A CB  1 
ATOM   258 N N   . LYS A 1 34 ? -11.343 1.429   0.942   1.00 18.30 ? 34  LYS A N   1 
ATOM   259 C CA  . LYS A 1 34 ? -12.380 1.836   1.881   1.00 27.04 ? 34  LYS A CA  1 
ATOM   260 C C   . LYS A 1 34 ? -12.355 3.345   2.166   1.00 22.65 ? 34  LYS A C   1 
ATOM   261 O O   . LYS A 1 34 ? -13.376 3.934   2.476   1.00 24.65 ? 34  LYS A O   1 
ATOM   262 C CB  . LYS A 1 34 ? -12.220 1.044   3.179   1.00 29.34 ? 34  LYS A CB  1 
ATOM   263 C CG  . LYS A 1 34 ? -10.875 1.197   3.877   1.00 39.63 ? 34  LYS A CG  1 
ATOM   264 C CD  . LYS A 1 34 ? -10.801 2.451   4.737   1.00 44.31 ? 34  LYS A CD  1 
ATOM   265 C CE  . LYS A 1 34 ? -9.496  2.511   5.524   1.00 31.10 ? 34  LYS A CE  1 
ATOM   266 N NZ  . LYS A 1 34 ? -9.416  3.690   6.402   1.00 41.31 ? 34  LYS A NZ  1 
ATOM   267 N N   . ARG A 1 35 ? -11.173 3.952   2.076   1.00 25.17 ? 35  ARG A N   1 
ATOM   268 C CA  . ARG A 1 35 ? -11.010 5.394   2.301   1.00 17.44 ? 35  ARG A CA  1 
ATOM   269 C C   . ARG A 1 35 ? -11.471 6.158   1.056   1.00 25.89 ? 35  ARG A C   1 
ATOM   270 O O   . ARG A 1 35 ? -12.070 7.242   1.163   1.00 26.24 ? 35  ARG A O   1 
ATOM   271 C CB  . ARG A 1 35 ? -9.519  5.694   2.598   1.00 15.72 ? 35  ARG A CB  1 
ATOM   272 C CG  . ARG A 1 35 ? -9.109  7.198   2.797   1.00 19.47 ? 35  ARG A CG  1 
ATOM   273 C CD  . ARG A 1 35 ? -7.579  7.306   3.102   1.00 19.39 ? 35  ARG A CD  1 
ATOM   274 N NE  . ARG A 1 35 ? -7.087  8.639   3.512   1.00 21.14 ? 35  ARG A NE  1 
ATOM   275 C CZ  . ARG A 1 35 ? -6.702  9.613   2.680   1.00 29.78 ? 35  ARG A CZ  1 
ATOM   276 N NH1 . ARG A 1 35 ? -6.267  10.770  3.171   1.00 27.90 ? 35  ARG A NH1 1 
ATOM   277 N NH2 . ARG A 1 35 ? -6.757  9.458   1.361   1.00 29.30 ? 35  ARG A NH2 1 
ATOM   278 N N   . GLN A 1 36 ? -11.212 5.592   -0.130  1.00 24.25 ? 36  GLN A N   1 
ATOM   279 C CA  . GLN A 1 36 ? -11.546 6.274   -1.392  1.00 25.51 ? 36  GLN A CA  1 
ATOM   280 C C   . GLN A 1 36 ? -12.773 5.750   -2.085  1.00 23.86 ? 36  GLN A C   1 
ATOM   281 O O   . GLN A 1 36 ? -13.159 6.290   -3.104  1.00 29.17 ? 36  GLN A O   1 
ATOM   282 C CB  . GLN A 1 36 ? -10.377 6.185   -2.394  1.00 22.95 ? 36  GLN A CB  1 
ATOM   283 C CG  . GLN A 1 36 ? -9.059  6.697   -1.860  1.00 22.52 ? 36  GLN A CG  1 
ATOM   284 C CD  . GLN A 1 36 ? -9.023  8.212   -1.723  1.00 30.87 ? 36  GLN A CD  1 
ATOM   285 O OE1 . GLN A 1 36 ? -8.305  8.753   -0.883  1.00 32.93 ? 36  GLN A OE1 1 
ATOM   286 N NE2 . GLN A 1 36 ? -9.814  8.901   -2.541  1.00 27.75 ? 36  GLN A NE2 1 
ATOM   287 N N   . GLY A 1 37 ? -13.381 4.695   -1.550  1.00 27.24 ? 37  GLY A N   1 
ATOM   288 C CA  . GLY A 1 37 ? -14.560 4.125   -2.182  1.00 28.40 ? 37  GLY A CA  1 
ATOM   289 C C   . GLY A 1 37 ? -14.288 3.538   -3.554  1.00 34.06 ? 37  GLY A C   1 
ATOM   290 O O   . GLY A 1 37 ? -15.184 3.473   -4.394  1.00 36.59 ? 37  GLY A O   1 
ATOM   291 N N   . VAL A 1 38 ? -13.050 3.105   -3.785  1.00 28.03 ? 38  VAL A N   1 
ATOM   292 C CA  . VAL A 1 38 ? -12.626 2.503   -5.063  1.00 30.66 ? 38  VAL A CA  1 
ATOM   293 C C   . VAL A 1 38 ? -12.279 1.027   -4.820  1.00 28.84 ? 38  VAL A C   1 
ATOM   294 O O   . VAL A 1 38 ? -11.702 0.694   -3.790  1.00 23.10 ? 38  VAL A O   1 
ATOM   295 C CB  . VAL A 1 38 ? -11.380 3.239   -5.616  1.00 35.49 ? 38  VAL A CB  1 
ATOM   296 C CG1 . VAL A 1 38 ? -10.735 2.451   -6.742  1.00 37.32 ? 38  VAL A CG1 1 
ATOM   297 C CG2 . VAL A 1 38 ? -11.786 4.619   -6.111  1.00 36.60 ? 38  VAL A CG2 1 
ATOM   298 N N   . PRO A 1 39 ? -12.624 0.126   -5.763  1.00 24.33 ? 39  PRO A N   1 
ATOM   299 C CA  . PRO A 1 39 ? -12.310 -1.295  -5.556  1.00 22.16 ? 39  PRO A CA  1 
ATOM   300 C C   . PRO A 1 39 ? -10.829 -1.596  -5.443  1.00 21.08 ? 39  PRO A C   1 
ATOM   301 O O   . PRO A 1 39 ? -10.014 -1.076  -6.198  1.00 18.69 ? 39  PRO A O   1 
ATOM   302 C CB  . PRO A 1 39 ? -12.945 -1.987  -6.771  1.00 24.75 ? 39  PRO A CB  1 
ATOM   303 C CG  . PRO A 1 39 ? -13.991 -1.008  -7.238  1.00 22.59 ? 39  PRO A CG  1 
ATOM   304 C CD  . PRO A 1 39 ? -13.308 0.317   -7.054  1.00 26.75 ? 39  PRO A CD  1 
ATOM   305 N N   . ALA A 1 40 ? -10.482 -2.500  -4.532  1.00 20.19 ? 40  ALA A N   1 
ATOM   306 C CA  . ALA A 1 40 ? -9.090  -2.852  -4.368  1.00 15.99 ? 40  ALA A CA  1 
ATOM   307 C C   . ALA A 1 40 ? -8.457  -3.438  -5.663  1.00 18.12 ? 40  ALA A C   1 
ATOM   308 O O   . ALA A 1 40 ? -7.251  -3.305  -5.866  1.00 15.82 ? 40  ALA A O   1 
ATOM   309 C CB  . ALA A 1 40 ? -8.944  -3.811  -3.211  1.00 16.96 ? 40  ALA A CB  1 
ATOM   310 N N   . ASP A 1 41 ? -9.253  -4.063  -6.536  1.00 16.81 ? 41  ASP A N   1 
ATOM   311 C CA  . ASP A 1 41 ? -8.710  -4.628  -7.773  1.00 14.77 ? 41  ASP A CA  1 
ATOM   312 C C   . ASP A 1 41 ? -8.310  -3.550  -8.822  1.00 10.01 ? 41  ASP A C   1 
ATOM   313 O O   . ASP A 1 41 ? -7.661  -3.841  -9.842  1.00 17.70 ? 41  ASP A O   1 
ATOM   314 C CB  . ASP A 1 41 ? -9.678  -5.656  -8.382  1.00 26.05 ? 41  ASP A CB  1 
ATOM   315 C CG  . ASP A 1 41 ? -11.056 -5.095  -8.639  1.00 30.63 ? 41  ASP A CG  1 
ATOM   316 O OD1 . ASP A 1 41 ? -11.160 -4.049  -9.300  1.00 36.38 ? 41  ASP A OD1 1 
ATOM   317 O OD2 . ASP A 1 41 ? -12.043 -5.718  -8.188  1.00 43.06 ? 41  ASP A OD2 1 
ATOM   318 N N   . GLN A 1 42 ? -8.684  -2.322  -8.539  1.00 11.57 ? 42  GLN A N   1 
ATOM   319 C CA  . GLN A 1 42 ? -8.309  -1.204  -9.385  1.00 14.92 ? 42  GLN A CA  1 
ATOM   320 C C   . GLN A 1 42 ? -7.220  -0.399  -8.659  1.00 14.01 ? 42  GLN A C   1 
ATOM   321 O O   . GLN A 1 42 ? -6.949  0.766   -8.982  1.00 16.29 ? 42  GLN A O   1 
ATOM   322 C CB  . GLN A 1 42 ? -9.536  -0.361  -9.710  1.00 17.35 ? 42  GLN A CB  1 
ATOM   323 C CG  . GLN A 1 42 ? -10.491 -1.152  -10.640 1.00 11.29 ? 42  GLN A CG  1 
ATOM   324 C CD  . GLN A 1 42 ? -11.723 -0.372  -11.062 1.00 30.98 ? 42  GLN A CD  1 
ATOM   325 O OE1 . GLN A 1 42 ? -12.819 -0.938  -11.197 1.00 32.80 ? 42  GLN A OE1 1 
ATOM   326 N NE2 . GLN A 1 42 ? -11.556 0.924   -11.280 1.00 27.91 ? 42  GLN A NE2 1 
ATOM   327 N N   . LEU A 1 43 ? -6.555  -1.046  -7.705  1.00 11.05 ? 43  LEU A N   1 
ATOM   328 C CA  . LEU A 1 43 ? -5.448  -0.348  -6.993  1.00 10.01 ? 43  LEU A CA  1 
ATOM   329 C C   . LEU A 1 43 ? -4.147  -1.149  -7.100  1.00 10.92 ? 43  LEU A C   1 
ATOM   330 O O   . LEU A 1 43 ? -4.205  -2.392  -7.172  1.00 8.03  ? 43  LEU A O   1 
ATOM   331 C CB  . LEU A 1 43 ? -5.816  -0.162  -5.509  1.00 6.34  ? 43  LEU A CB  1 
ATOM   332 C CG  . LEU A 1 43 ? -7.034  0.703   -5.188  1.00 12.16 ? 43  LEU A CG  1 
ATOM   333 C CD1 . LEU A 1 43 ? -7.239  0.812   -3.659  1.00 17.76 ? 43  LEU A CD1 1 
ATOM   334 C CD2 . LEU A 1 43 ? -6.853  2.093   -5.825  1.00 17.85 ? 43  LEU A CD2 1 
ATOM   335 N N   . ARG A 1 44 ? -2.990  -0.453  -7.075  1.00 8.94  ? 44  ARG A N   1 
ATOM   336 C CA  . ARG A 1 44 ? -1.669  -1.087  -7.121  1.00 7.52  ? 44  ARG A CA  1 
ATOM   337 C C   . ARG A 1 44 ? -0.751  -0.411  -6.080  1.00 11.36 ? 44  ARG A C   1 
ATOM   338 O O   . ARG A 1 44 ? -0.932  0.754   -5.795  1.00 9.58  ? 44  ARG A O   1 
ATOM   339 C CB  . ARG A 1 44 ? -1.016  -0.894  -8.488  1.00 11.88 ? 44  ARG A CB  1 
ATOM   340 C CG  . ARG A 1 44 ? -1.936  -1.360  -9.644  1.00 5.04  ? 44  ARG A CG  1 
ATOM   341 C CD  . ARG A 1 44 ? -2.011  -2.865  -9.716  1.00 13.49 ? 44  ARG A CD  1 
ATOM   342 N NE  . ARG A 1 44 ? -2.705  -3.266  -10.935 1.00 11.64 ? 44  ARG A NE  1 
ATOM   343 C CZ  . ARG A 1 44 ? -4.018  -3.379  -11.065 1.00 20.46 ? 44  ARG A CZ  1 
ATOM   344 N NH1 . ARG A 1 44 ? -4.842  -3.155  -10.041 1.00 12.48 ? 44  ARG A NH1 1 
ATOM   345 N NH2 . ARG A 1 44 ? -4.517  -3.638  -12.278 1.00 10.75 ? 44  ARG A NH2 1 
ATOM   346 N N   . VAL A 1 45 ? 0.199   -1.157  -5.531  1.00 9.30  ? 45  VAL A N   1 
ATOM   347 C CA  . VAL A 1 45 ? 1.164   -0.611  -4.543  1.00 9.05  ? 45  VAL A CA  1 
ATOM   348 C C   . VAL A 1 45 ? 2.579   -0.565  -5.151  1.00 15.12 ? 45  VAL A C   1 
ATOM   349 O O   . VAL A 1 45 ? 3.120   -1.604  -5.599  1.00 17.65 ? 45  VAL A O   1 
ATOM   350 C CB  . VAL A 1 45 ? 1.217   -1.493  -3.270  1.00 8.62  ? 45  VAL A CB  1 
ATOM   351 C CG1 . VAL A 1 45 ? 2.288   -1.005  -2.324  1.00 9.50  ? 45  VAL A CG1 1 
ATOM   352 C CG2 . VAL A 1 45 ? -0.145  -1.458  -2.586  1.00 9.76  ? 45  VAL A CG2 1 
ATOM   353 N N   . ILE A 1 46 ? 3.174   0.622   -5.138  1.00 10.17 ? 46  ILE A N   1 
ATOM   354 C CA  . ILE A 1 46 ? 4.525   0.816   -5.693  1.00 8.07  ? 46  ILE A CA  1 
ATOM   355 C C   . ILE A 1 46 ? 5.448   1.220   -4.557  1.00 10.61 ? 46  ILE A C   1 
ATOM   356 O O   . ILE A 1 46 ? 5.181   2.160   -3.802  1.00 10.68 ? 46  ILE A O   1 
ATOM   357 C CB  . ILE A 1 46 ? 4.538   1.877   -6.763  1.00 6.39  ? 46  ILE A CB  1 
ATOM   358 C CG1 . ILE A 1 46 ? 3.527   1.472   -7.856  1.00 19.32 ? 46  ILE A CG1 1 
ATOM   359 C CG2 . ILE A 1 46 ? 5.942   2.016   -7.382  1.00 11.05 ? 46  ILE A CG2 1 
ATOM   360 C CD1 . ILE A 1 46 ? 3.332   2.491   -8.919  1.00 21.90 ? 46  ILE A CD1 1 
ATOM   361 N N   . PHE A 1 47 ? 6.531   0.483   -4.433  1.00 6.74  ? 47  PHE A N   1 
ATOM   362 C CA  . PHE A 1 47 ? 7.467   0.730   -3.365  1.00 10.16 ? 47  PHE A CA  1 
ATOM   363 C C   . PHE A 1 47 ? 8.921   0.605   -3.788  1.00 13.25 ? 47  PHE A C   1 
ATOM   364 O O   . PHE A 1 47 ? 9.334   -0.445  -4.272  1.00 15.74 ? 47  PHE A O   1 
ATOM   365 C CB  . PHE A 1 47 ? 7.197   -0.283  -2.274  1.00 10.02 ? 47  PHE A CB  1 
ATOM   366 C CG  . PHE A 1 47 ? 8.271   -0.340  -1.241  1.00 26.50 ? 47  PHE A CG  1 
ATOM   367 C CD1 . PHE A 1 47 ? 8.627   0.809   -0.525  1.00 17.38 ? 47  PHE A CD1 1 
ATOM   368 C CD2 . PHE A 1 47 ? 8.958   -1.530  -1.000  1.00 22.34 ? 47  PHE A CD2 1 
ATOM   369 C CE1 . PHE A 1 47 ? 9.663   0.758   0.413   1.00 18.16 ? 47  PHE A CE1 1 
ATOM   370 C CE2 . PHE A 1 47 ? 9.987   -1.572  -0.057  1.00 18.27 ? 47  PHE A CE2 1 
ATOM   371 C CZ  . PHE A 1 47 ? 10.332  -0.438  0.637   1.00 12.10 ? 47  PHE A CZ  1 
ATOM   372 N N   . ALA A 1 48 ? 9.718   1.642   -3.591  1.00 17.17 ? 48  ALA A N   1 
ATOM   373 C CA  . ALA A 1 48 ? 11.137  1.512   -3.935  1.00 17.06 ? 48  ALA A CA  1 
ATOM   374 C C   . ALA A 1 48 ? 11.348  0.925   -5.332  1.00 21.65 ? 48  ALA A C   1 
ATOM   375 O O   . ALA A 1 48 ? 12.128  -0.015  -5.526  1.00 23.60 ? 48  ALA A O   1 
ATOM   376 C CB  . ALA A 1 48 ? 11.841  0.631   -2.892  1.00 23.51 ? 48  ALA A CB  1 
ATOM   377 N N   . GLY A 1 49 ? 10.642  1.485   -6.299  1.00 14.02 ? 49  GLY A N   1 
ATOM   378 C CA  . GLY A 1 49 ? 10.781  1.034   -7.671  1.00 24.61 ? 49  GLY A CA  1 
ATOM   379 C C   . GLY A 1 49 ? 10.256  -0.344  -8.032  1.00 21.90 ? 49  GLY A C   1 
ATOM   380 O O   . GLY A 1 49 ? 10.655  -0.882  -9.079  1.00 18.19 ? 49  GLY A O   1 
ATOM   381 N N   . LYS A 1 50 ? 9.379   -0.908  -7.189  1.00 15.06 ? 50  LYS A N   1 
ATOM   382 C CA  . LYS A 1 50 ? 8.789   -2.239  -7.392  1.00 8.18  ? 50  LYS A CA  1 
ATOM   383 C C   . LYS A 1 50 ? 7.275   -2.185  -7.206  1.00 17.77 ? 50  LYS A C   1 
ATOM   384 O O   . LYS A 1 50 ? 6.795   -1.680  -6.160  1.00 14.42 ? 50  LYS A O   1 
ATOM   385 C CB  . LYS A 1 50 ? 9.343   -3.250  -6.356  1.00 15.18 ? 50  LYS A CB  1 
ATOM   386 C CG  . LYS A 1 50 ? 10.753  -3.824  -6.655  1.00 22.19 ? 50  LYS A CG  1 
ATOM   387 C CD  . LYS A 1 50 ? 11.367  -4.501  -5.402  1.00 23.28 ? 50  LYS A CD  1 
ATOM   388 C CE  . LYS A 1 50 ? 11.686  -3.487  -4.297  1.00 29.36 ? 50  LYS A CE  1 
ATOM   389 N NZ  . LYS A 1 50 ? 12.468  -4.084  -3.148  1.00 40.39 ? 50  LYS A NZ  1 
ATOM   390 N N   . GLU A 1 51 ? 6.514   -2.665  -8.194  1.00 15.02 ? 51  GLU A N   1 
ATOM   391 C CA  . GLU A 1 51 ? 5.067   -2.740  -8.013  1.00 14.11 ? 51  GLU A CA  1 
ATOM   392 C C   . GLU A 1 51 ? 4.859   -4.111  -7.366  1.00 14.40 ? 51  GLU A C   1 
ATOM   393 O O   . GLU A 1 51 ? 5.149   -5.171  -7.969  1.00 9.76  ? 51  GLU A O   1 
ATOM   394 C CB  . GLU A 1 51 ? 4.301   -2.650  -9.325  1.00 14.13 ? 51  GLU A CB  1 
ATOM   395 C CG  . GLU A 1 51 ? 2.872   -2.884  -9.115  1.00 13.00 ? 51  GLU A CG  1 
ATOM   396 C CD  . GLU A 1 51 ? 2.013   -2.534  -10.295 1.00 28.60 ? 51  GLU A CD  1 
ATOM   397 O OE1 . GLU A 1 51 ? 1.777   -1.324  -10.522 1.00 21.65 ? 51  GLU A OE1 1 
ATOM   398 O OE2 . GLU A 1 51 ? 1.561   -3.482  -10.975 1.00 31.73 ? 51  GLU A OE2 1 
ATOM   399 N N   . LEU A 1 52 ? 4.389   -4.075  -6.118  1.00 12.99 ? 52  LEU A N   1 
ATOM   400 C CA  . LEU A 1 52 ? 4.198   -5.276  -5.304  1.00 7.92  ? 52  LEU A CA  1 
ATOM   401 C C   . LEU A 1 52 ? 2.854   -6.030  -5.454  1.00 11.44 ? 52  LEU A C   1 
ATOM   402 O O   . LEU A 1 52 ? 1.766   -5.474  -5.263  1.00 12.46 ? 52  LEU A O   1 
ATOM   403 C CB  . LEU A 1 52 ? 4.443   -4.896  -3.811  1.00 9.69  ? 52  LEU A CB  1 
ATOM   404 C CG  . LEU A 1 52 ? 5.725   -4.084  -3.501  1.00 9.78  ? 52  LEU A CG  1 
ATOM   405 C CD1 . LEU A 1 52 ? 5.759   -3.670  -2.018  1.00 13.71 ? 52  LEU A CD1 1 
ATOM   406 C CD2 . LEU A 1 52 ? 6.993   -4.917  -3.826  1.00 14.60 ? 52  LEU A CD2 1 
ATOM   407 N N   . PRO A 1 53 ? 2.917   -7.327  -5.778  1.00 15.30 ? 53  PRO A N   1 
ATOM   408 C CA  . PRO A 1 53 ? 1.710   -8.143  -5.951  1.00 18.48 ? 53  PRO A CA  1 
ATOM   409 C C   . PRO A 1 53 ? 0.910   -8.424  -4.660  1.00 17.12 ? 53  PRO A C   1 
ATOM   410 O O   . PRO A 1 53 ? 1.481   -8.541  -3.587  1.00 13.29 ? 53  PRO A O   1 
ATOM   411 C CB  . PRO A 1 53 ? 2.245   -9.431  -6.597  1.00 18.85 ? 53  PRO A CB  1 
ATOM   412 C CG  . PRO A 1 53 ? 3.665   -9.486  -6.165  1.00 23.97 ? 53  PRO A CG  1 
ATOM   413 C CD  . PRO A 1 53 ? 4.127   -8.045  -6.215  1.00 14.52 ? 53  PRO A CD  1 
ATOM   414 N N   . ASN A 1 54 ? -0.409  -8.512  -4.812  1.00 15.61 ? 54  ASN A N   1 
ATOM   415 C CA  . ASN A 1 54 ? -1.384  -8.779  -3.735  1.00 14.11 ? 54  ASN A CA  1 
ATOM   416 C C   . ASN A 1 54 ? -0.941  -9.759  -2.633  1.00 18.46 ? 54  ASN A C   1 
ATOM   417 O O   . ASN A 1 54 ? -1.111  -9.491  -1.453  1.00 10.28 ? 54  ASN A O   1 
ATOM   418 C CB  . ASN A 1 54 ? -2.671  -9.396  -4.316  1.00 13.15 ? 54  ASN A CB  1 
ATOM   419 C CG  . ASN A 1 54 ? -3.655  -8.396  -4.830  1.00 16.02 ? 54  ASN A CG  1 
ATOM   420 O OD1 . ASN A 1 54 ? -4.749  -8.768  -5.309  1.00 20.28 ? 54  ASN A OD1 1 
ATOM   421 N ND2 . ASN A 1 54 ? -3.317  -7.137  -4.726  1.00 13.99 ? 54  ASN A ND2 1 
ATOM   422 N N   . HIS A 1 55 ? -0.402  -10.912 -3.028  1.00 17.33 ? 55  HIS A N   1 
ATOM   423 C CA  . HIS A 1 55 ? -0.036  -11.943 -2.045  1.00 19.53 ? 55  HIS A CA  1 
ATOM   424 C C   . HIS A 1 55 ? 1.220   -11.767 -1.213  1.00 18.88 ? 55  HIS A C   1 
ATOM   425 O O   . HIS A 1 55 ? 1.432   -12.489 -0.231  1.00 16.57 ? 55  HIS A O   1 
ATOM   426 C CB  . HIS A 1 55 ? -0.024  -13.318 -2.730  1.00 28.63 ? 55  HIS A CB  1 
ATOM   427 C CG  . HIS A 1 55 ? -1.342  -13.691 -3.342  1.00 35.43 ? 55  HIS A CG  1 
ATOM   428 N ND1 . HIS A 1 55 ? -2.545  -13.515 -2.688  1.00 48.34 ? 55  HIS A ND1 1 
ATOM   429 C CD2 . HIS A 1 55 ? -1.647  -14.245 -4.540  1.00 45.14 ? 55  HIS A CD2 1 
ATOM   430 C CE1 . HIS A 1 55 ? -3.531  -13.944 -3.455  1.00 42.88 ? 55  HIS A CE1 1 
ATOM   431 N NE2 . HIS A 1 55 ? -3.014  -14.392 -4.584  1.00 40.06 ? 55  HIS A NE2 1 
ATOM   432 N N   . LEU A 1 56 ? 2.066   -10.818 -1.564  1.00 15.55 ? 56  LEU A N   1 
ATOM   433 C CA  . LEU A 1 56 ? 3.264   -10.640 -0.772  1.00 14.50 ? 56  LEU A CA  1 
ATOM   434 C C   . LEU A 1 56 ? 2.905   -10.017 0.585   1.00 13.10 ? 56  LEU A C   1 
ATOM   435 O O   . LEU A 1 56 ? 1.983   -9.229  0.685   1.00 13.59 ? 56  LEU A O   1 
ATOM   436 C CB  . LEU A 1 56 ? 4.243   -9.750  -1.503  1.00 13.15 ? 56  LEU A CB  1 
ATOM   437 C CG  . LEU A 1 56 ? 4.889   -10.322 -2.781  1.00 21.25 ? 56  LEU A CG  1 
ATOM   438 C CD1 . LEU A 1 56 ? 5.807   -9.274  -3.397  1.00 25.85 ? 56  LEU A CD1 1 
ATOM   439 C CD2 . LEU A 1 56 ? 5.697   -11.574 -2.458  1.00 18.71 ? 56  LEU A CD2 1 
ATOM   440 N N   . THR A 1 57 ? 3.627   -10.407 1.622   1.00 19.82 ? 57  THR A N   1 
ATOM   441 C CA  . THR A 1 57 ? 3.420   -9.825  2.945   1.00 14.95 ? 57  THR A CA  1 
ATOM   442 C C   . THR A 1 57 ? 4.627   -8.950  3.280   1.00 20.08 ? 57  THR A C   1 
ATOM   443 O O   . THR A 1 57 ? 5.650   -8.954  2.585   1.00 19.41 ? 57  THR A O   1 
ATOM   444 C CB  . THR A 1 57 ? 3.304   -10.916 3.995   1.00 12.58 ? 57  THR A CB  1 
ATOM   445 O OG1 . THR A 1 57 ? 4.520   -11.693 3.983   1.00 21.04 ? 57  THR A OG1 1 
ATOM   446 C CG2 . THR A 1 57 ? 2.123   -11.786 3.704   1.00 23.33 ? 57  THR A CG2 1 
ATOM   447 N N   . VAL A 1 58 ? 4.514   -8.183  4.356   1.00 14.66 ? 58  VAL A N   1 
ATOM   448 C CA  . VAL A 1 58 ? 5.595   -7.316  4.787   1.00 16.07 ? 58  VAL A CA  1 
ATOM   449 C C   . VAL A 1 58 ? 6.897   -8.080  5.056   1.00 13.72 ? 58  VAL A C   1 
ATOM   450 O O   . VAL A 1 58 ? 7.979   -7.601  4.718   1.00 14.71 ? 58  VAL A O   1 
ATOM   451 C CB  . VAL A 1 58 ? 5.183   -6.531  6.107   1.00 9.95  ? 58  VAL A CB  1 
ATOM   452 C CG1 . VAL A 1 58 ? 6.324   -5.701  6.650   1.00 24.53 ? 58  VAL A CG1 1 
ATOM   453 C CG2 . VAL A 1 58 ? 4.021   -5.651  5.815   1.00 10.04 ? 58  VAL A CG2 1 
ATOM   454 N N   . GLN A 1 59 ? 6.806   -9.266  5.664   1.00 17.26 ? 59  GLN A N   1 
ATOM   455 C CA  . GLN A 1 59 ? 8.025   -9.983  6.000   1.00 19.20 ? 59  GLN A CA  1 
ATOM   456 C C   . GLN A 1 59 ? 8.598   -10.676 4.777   1.00 26.15 ? 59  GLN A C   1 
ATOM   457 O O   . GLN A 1 59 ? 9.718   -11.172 4.821   1.00 24.05 ? 59  GLN A O   1 
ATOM   458 C CB  . GLN A 1 59 ? 7.784   -11.019 7.100   1.00 17.12 ? 59  GLN A CB  1 
ATOM   459 C CG  . GLN A 1 59 ? 6.915   -12.177 6.690   1.00 17.54 ? 59  GLN A CG  1 
ATOM   460 C CD  . GLN A 1 59 ? 6.775   -13.239 7.787   1.00 24.48 ? 59  GLN A CD  1 
ATOM   461 O OE1 . GLN A 1 59 ? 7.768   -13.695 8.359   1.00 30.88 ? 59  GLN A OE1 1 
ATOM   462 N NE2 . GLN A 1 59 ? 5.536   -13.650 8.063   1.00 26.16 ? 59  GLN A NE2 1 
ATOM   463 N N   . ASN A 1 60 ? 7.819   -10.699 3.703   1.00 16.99 ? 60  ASN A N   1 
ATOM   464 C CA  . ASN A 1 60 ? 8.220   -11.338 2.447   1.00 23.64 ? 60  ASN A CA  1 
ATOM   465 C C   . ASN A 1 60 ? 8.621   -10.378 1.332   1.00 21.61 ? 60  ASN A C   1 
ATOM   466 O O   . ASN A 1 60 ? 8.639   -10.772 0.163   1.00 22.24 ? 60  ASN A O   1 
ATOM   467 C CB  . ASN A 1 60 ? 7.108   -12.230 1.919   1.00 23.96 ? 60  ASN A CB  1 
ATOM   468 C CG  . ASN A 1 60 ? 6.985   -13.531 2.689   1.00 33.39 ? 60  ASN A CG  1 
ATOM   469 O OD1 . ASN A 1 60 ? 7.897   -14.363 2.683   1.00 35.45 ? 60  ASN A OD1 1 
ATOM   470 N ND2 . ASN A 1 60 ? 5.852   -13.716 3.348   1.00 31.68 ? 60  ASN A ND2 1 
ATOM   471 N N   . CYS A 1 61 ? 8.911   -9.127  1.676   1.00 24.71 ? 61  CYS A N   1 
ATOM   472 C CA  . CYS A 1 61 ? 9.360   -8.132  0.691   1.00 24.43 ? 61  CYS A CA  1 
ATOM   473 C C   . CYS A 1 61 ? 10.178  -7.079  1.419   1.00 25.17 ? 61  CYS A C   1 
ATOM   474 O O   . CYS A 1 61 ? 10.323  -7.174  2.625   1.00 22.31 ? 61  CYS A O   1 
ATOM   475 C CB  . CYS A 1 61 ? 8.173   -7.507  -0.041  1.00 25.28 ? 61  CYS A CB  1 
ATOM   476 S SG  . CYS A 1 61 ? 7.116   -6.446  0.935   1.00 16.43 ? 61  CYS A SG  1 
ATOM   477 N N   . ASP A 1 62 ? 10.742  -6.092  0.717   1.00 18.50 ? 62  ASP A N   1 
ATOM   478 C CA  . ASP A 1 62 ? 11.565  -5.084  1.404   1.00 20.70 ? 62  ASP A CA  1 
ATOM   479 C C   . ASP A 1 62 ? 10.880  -3.968  2.223   1.00 18.30 ? 62  ASP A C   1 
ATOM   480 O O   . ASP A 1 62 ? 11.518  -2.976  2.607   1.00 13.31 ? 62  ASP A O   1 
ATOM   481 C CB  . ASP A 1 62 ? 12.555  -4.457  0.410   1.00 25.92 ? 62  ASP A CB  1 
ATOM   482 C CG  . ASP A 1 62 ? 13.642  -5.431  -0.014  1.00 36.92 ? 62  ASP A CG  1 
ATOM   483 O OD1 . ASP A 1 62 ? 13.595  -6.605  0.422   1.00 36.96 ? 62  ASP A OD1 1 
ATOM   484 O OD2 . ASP A 1 62 ? 14.537  -5.022  -0.786  1.00 41.00 ? 62  ASP A OD2 1 
ATOM   485 N N   . LEU A 1 63 ? 9.597   -4.106  2.506   1.00 17.64 ? 63  LEU A N   1 
ATOM   486 C CA  . LEU A 1 63 ? 8.940   -3.075  3.301   1.00 18.18 ? 63  LEU A CA  1 
ATOM   487 C C   . LEU A 1 63 ? 9.515   -3.193  4.707   1.00 13.10 ? 63  LEU A C   1 
ATOM   488 O O   . LEU A 1 63 ? 9.690   -4.275  5.210   1.00 20.69 ? 63  LEU A O   1 
ATOM   489 C CB  . LEU A 1 63 ? 7.415   -3.281  3.349   1.00 12.70 ? 63  LEU A CB  1 
ATOM   490 C CG  . LEU A 1 63 ? 6.632   -3.068  2.053   1.00 11.02 ? 63  LEU A CG  1 
ATOM   491 C CD1 . LEU A 1 63 ? 5.206   -3.599  2.213   1.00 18.03 ? 63  LEU A CD1 1 
ATOM   492 C CD2 . LEU A 1 63 ? 6.602   -1.540  1.713   1.00 15.03 ? 63  LEU A CD2 1 
ATOM   493 N N   . GLU A 1 64 ? 9.813   -2.076  5.337   1.00 19.59 ? 64  GLU A N   1 
ATOM   494 C CA  . GLU A 1 64 ? 10.349  -2.130  6.682   1.00 17.55 ? 64  GLU A CA  1 
ATOM   495 C C   . GLU A 1 64 ? 9.723   -0.995  7.466   1.00 15.67 ? 64  GLU A C   1 
ATOM   496 O O   . GLU A 1 64 ? 8.896   -0.263  6.926   1.00 13.10 ? 64  GLU A O   1 
ATOM   497 C CB  . GLU A 1 64 ? 11.868  -1.997  6.640   1.00 18.46 ? 64  GLU A CB  1 
ATOM   498 C CG  . GLU A 1 64 ? 12.381  -0.663  6.165   1.00 21.75 ? 64  GLU A CG  1 
ATOM   499 C CD  . GLU A 1 64 ? 13.902  -0.670  6.002   1.00 25.67 ? 64  GLU A CD  1 
ATOM   500 O OE1 . GLU A 1 64 ? 14.514  0.404   6.036   1.00 28.34 ? 64  GLU A OE1 1 
ATOM   501 O OE2 . GLU A 1 64 ? 14.470  -1.760  5.823   1.00 31.71 ? 64  GLU A OE2 1 
ATOM   502 N N   . GLN A 1 65 ? 10.095  -0.856  8.735   1.00 15.20 ? 65  GLN A N   1 
ATOM   503 C CA  . GLN A 1 65 ? 9.537   0.193   9.574   1.00 11.53 ? 65  GLN A CA  1 
ATOM   504 C C   . GLN A 1 65 ? 9.677   1.541   8.874   1.00 12.00 ? 65  GLN A C   1 
ATOM   505 O O   . GLN A 1 65 ? 10.747  1.923   8.414   1.00 9.74  ? 65  GLN A O   1 
ATOM   506 C CB  . GLN A 1 65 ? 10.270  0.249   10.955  1.00 9.21  ? 65  GLN A CB  1 
ATOM   507 C CG  . GLN A 1 65 ? 9.986   1.522   11.745  1.00 19.59 ? 65  GLN A CG  1 
ATOM   508 C CD  . GLN A 1 65 ? 8.551   1.601   12.262  1.00 32.45 ? 65  GLN A CD  1 
ATOM   509 O OE1 . GLN A 1 65 ? 7.772   0.664   12.104  1.00 17.82 ? 65  GLN A OE1 1 
ATOM   510 N NE2 . GLN A 1 65 ? 8.203   2.726   12.891  1.00 33.78 ? 65  GLN A NE2 1 
ATOM   511 N N   . GLN A 1 66 ? 8.568   2.245   8.794   1.00 12.50 ? 66  GLN A N   1 
ATOM   512 C CA  . GLN A 1 66 ? 8.448   3.542   8.194   1.00 8.34  ? 66  GLN A CA  1 
ATOM   513 C C   . GLN A 1 66 ? 8.717   3.695   6.681   1.00 13.09 ? 66  GLN A C   1 
ATOM   514 O O   . GLN A 1 66 ? 8.958   4.775   6.174   1.00 12.64 ? 66  GLN A O   1 
ATOM   515 C CB  . GLN A 1 66 ? 9.185   4.581   9.059   1.00 17.81 ? 66  GLN A CB  1 
ATOM   516 C CG  . GLN A 1 66 ? 8.438   4.721   10.433  1.00 19.53 ? 66  GLN A CG  1 
ATOM   517 C CD  . GLN A 1 66 ? 9.250   5.428   11.474  1.00 33.00 ? 66  GLN A CD  1 
ATOM   518 O OE1 . GLN A 1 66 ? 9.934   6.384   11.175  1.00 31.52 ? 66  GLN A OE1 1 
ATOM   519 N NE2 . GLN A 1 66 ? 9.170   4.961   12.714  1.00 26.90 ? 66  GLN A NE2 1 
ATOM   520 N N   . SER A 1 67 ? 8.621   2.598   5.962   1.00 12.56 ? 67  SER A N   1 
ATOM   521 C CA  . SER A 1 67 ? 8.725   2.676   4.504   1.00 11.56 ? 67  SER A CA  1 
ATOM   522 C C   . SER A 1 67 ? 7.547   3.513   4.021   1.00 11.04 ? 67  SER A C   1 
ATOM   523 O O   . SER A 1 67 ? 6.511   3.599   4.709   1.00 10.04 ? 67  SER A O   1 
ATOM   524 C CB  . SER A 1 67 ? 8.568   1.282   3.882   1.00 4.36  ? 67  SER A CB  1 
ATOM   525 O OG  . SER A 1 67 ? 9.749   0.533   4.046   1.00 12.40 ? 67  SER A OG  1 
ATOM   526 N N   . ILE A 1 68 ? 7.693   4.156   2.859   1.00 7.29  ? 68  ILE A N   1 
ATOM   527 C CA  . ILE A 1 68 ? 6.540   4.891   2.308   1.00 10.88 ? 68  ILE A CA  1 
ATOM   528 C C   . ILE A 1 68 ? 6.155   4.226   0.984   1.00 9.09  ? 68  ILE A C   1 
ATOM   529 O O   . ILE A 1 68 ? 7.011   4.006   0.109   1.00 14.35 ? 68  ILE A O   1 
ATOM   530 C CB  . ILE A 1 68 ? 6.853   6.351   2.011   1.00 16.04 ? 68  ILE A CB  1 
ATOM   531 C CG1 . ILE A 1 68 ? 5.622   7.015   1.382   1.00 13.72 ? 68  ILE A CG1 1 
ATOM   532 C CG2 . ILE A 1 68 ? 8.027   6.445   1.046   1.00 19.85 ? 68  ILE A CG2 1 
ATOM   533 C CD1 . ILE A 1 68 ? 5.223   8.337   2.036   1.00 23.82 ? 68  ILE A CD1 1 
ATOM   534 N N   . VAL A 1 69 ? 4.890   3.903   0.803   1.00 6.96  ? 69  VAL A N   1 
ATOM   535 C CA  . VAL A 1 69 ? 4.459   3.316   -0.467  1.00 9.91  ? 69  VAL A CA  1 
ATOM   536 C C   . VAL A 1 69 ? 3.494   4.275   -1.178  1.00 12.88 ? 69  VAL A C   1 
ATOM   537 O O   . VAL A 1 69 ? 2.780   5.103   -0.543  1.00 9.52  ? 69  VAL A O   1 
ATOM   538 C CB  . VAL A 1 69 ? 3.755   1.945   -0.266  1.00 17.66 ? 69  VAL A CB  1 
ATOM   539 C CG1 . VAL A 1 69 ? 4.732   0.972   0.394   1.00 16.63 ? 69  VAL A CG1 1 
ATOM   540 C CG2 . VAL A 1 69 ? 2.493   2.110   0.589   1.00 20.80 ? 69  VAL A CG2 1 
ATOM   541 N N   . HIS A 1 70 ? 3.470   4.139   -2.501  1.00 11.23 ? 70  HIS A N   1 
ATOM   542 C CA  . HIS A 1 70 ? 2.634   4.952   -3.361  1.00 13.00 ? 70  HIS A CA  1 
ATOM   543 C C   . HIS A 1 70 ? 1.531   4.054   -3.936  1.00 11.36 ? 70  HIS A C   1 
ATOM   544 O O   . HIS A 1 70 ? 1.819   3.060   -4.617  1.00 7.90  ? 70  HIS A O   1 
ATOM   545 C CB  . HIS A 1 70 ? 3.485   5.524   -4.511  1.00 8.91  ? 70  HIS A CB  1 
ATOM   546 C CG  . HIS A 1 70 ? 2.726   6.483   -5.385  1.00 11.89 ? 70  HIS A CG  1 
ATOM   547 N ND1 . HIS A 1 70 ? 3.152   6.840   -6.648  1.00 17.72 ? 70  HIS A ND1 1 
ATOM   548 C CD2 . HIS A 1 70 ? 1.583   7.178   -5.161  1.00 11.76 ? 70  HIS A CD2 1 
ATOM   549 C CE1 . HIS A 1 70 ? 2.304   7.716   -7.169  1.00 20.23 ? 70  HIS A CE1 1 
ATOM   550 N NE2 . HIS A 1 70 ? 1.345   7.943   -6.289  1.00 20.45 ? 70  HIS A NE2 1 
ATOM   551 N N   . ILE A 1 71 ? 0.293   4.337   -3.586  1.00 8.20  ? 71  ILE A N   1 
ATOM   552 C CA  . ILE A 1 71 ? -0.808  3.522   -4.111  1.00 7.81  ? 71  ILE A CA  1 
ATOM   553 C C   . ILE A 1 71 ? -1.411  4.334   -5.233  1.00 10.20 ? 71  ILE A C   1 
ATOM   554 O O   . ILE A 1 71 ? -1.709  5.526   -5.067  1.00 10.96 ? 71  ILE A O   1 
ATOM   555 C CB  . ILE A 1 71 ? -1.860  3.111   -2.986  1.00 15.48 ? 71  ILE A CB  1 
ATOM   556 C CG1 . ILE A 1 71 ? -1.164  2.198   -1.934  1.00 17.58 ? 71  ILE A CG1 1 
ATOM   557 C CG2 . ILE A 1 71 ? -2.976  2.293   -3.592  1.00 16.90 ? 71  ILE A CG2 1 
ATOM   558 C CD1 . ILE A 1 71 ? -2.096  1.435   -0.963  1.00 18.35 ? 71  ILE A CD1 1 
ATOM   559 N N   . VAL A 1 72 ? -1.514  3.689   -6.404  1.00 10.15 ? 72  VAL A N   1 
ATOM   560 C CA  . VAL A 1 72 ? -2.077  4.268   -7.610  1.00 11.44 ? 72  VAL A CA  1 
ATOM   561 C C   . VAL A 1 72 ? -3.309  3.484   -8.118  1.00 13.55 ? 72  VAL A C   1 
ATOM   562 O O   . VAL A 1 72 ? -3.522  2.321   -7.768  1.00 10.47 ? 72  VAL A O   1 
ATOM   563 C CB  . VAL A 1 72 ? -1.010  4.328   -8.740  1.00 7.04  ? 72  VAL A CB  1 
ATOM   564 C CG1 . VAL A 1 72 ? 0.175   5.246   -8.304  1.00 17.21 ? 72  VAL A CG1 1 
ATOM   565 C CG2 . VAL A 1 72 ? -0.486  2.960   -9.029  1.00 12.39 ? 72  VAL A CG2 1 
ATOM   566 N N   . GLN A 1 73 ? -4.118  4.135   -8.944  1.00 12.47 ? 73  GLN A N   1 
ATOM   567 C CA  . GLN A 1 73 ? -5.323  3.496   -9.480  1.00 18.75 ? 73  GLN A CA  1 
ATOM   568 C C   . GLN A 1 73 ? -5.080  3.098   -10.930 1.00 13.73 ? 73  GLN A C   1 
ATOM   569 O O   . GLN A 1 73 ? -4.430  3.836   -11.689 1.00 16.66 ? 73  GLN A O   1 
ATOM   570 C CB  . GLN A 1 73 ? -6.509  4.475   -9.393  1.00 22.06 ? 73  GLN A CB  1 
ATOM   571 C CG  . GLN A 1 73 ? -7.868  3.960   -9.850  1.00 28.50 ? 73  GLN A CG  1 
ATOM   572 C CD  . GLN A 1 73 ? -9.018  4.848   -9.365  1.00 29.49 ? 73  GLN A CD  1 
ATOM   573 O OE1 . GLN A 1 73 ? -10.194 4.534   -9.562  1.00 28.73 ? 73  GLN A OE1 1 
ATOM   574 N NE2 . GLN A 1 73 ? -8.676  5.958   -8.723  1.00 17.41 ? 73  GLN A NE2 1 
ATOM   575 N N   . ARG A 1 74 ? -5.596  1.919   -11.307 1.00 10.46 ? 74  ARG A N   1 
ATOM   576 C CA  . ARG A 1 74 ? -5.505  1.407   -12.669 1.00 10.80 ? 74  ARG A CA  1 
ATOM   577 C C   . ARG A 1 74 ? -6.864  0.704   -12.893 1.00 14.20 ? 74  ARG A C   1 
ATOM   578 O O   . ARG A 1 74 ? -7.234  -0.165  -12.112 1.00 10.44 ? 74  ARG A O   1 
ATOM   579 C CB  . ARG A 1 74 ? -4.387  0.367   -12.811 1.00 13.03 ? 74  ARG A CB  1 
ATOM   580 C CG  . ARG A 1 74 ? -2.932  0.850   -12.546 1.00 16.68 ? 74  ARG A CG  1 
ATOM   581 C CD  . ARG A 1 74 ? -2.447  1.871   -13.545 1.00 20.93 ? 74  ARG A CD  1 
ATOM   582 N NE  . ARG A 1 74 ? -1.152  2.454   -13.159 1.00 25.36 ? 74  ARG A NE  1 
ATOM   583 C CZ  . ARG A 1 74 ? -0.994  3.665   -12.609 1.00 15.21 ? 74  ARG A CZ  1 
ATOM   584 N NH1 . ARG A 1 74 ? -2.049  4.440   -12.362 1.00 22.39 ? 74  ARG A NH1 1 
ATOM   585 N NH2 . ARG A 1 74 ? 0.233   4.123   -12.357 1.00 18.39 ? 74  ARG A NH2 1 
ATOM   586 N N   . PRO A 1 75 ? -7.619  1.086   -13.937 1.00 13.98 ? 75  PRO A N   1 
ATOM   587 C CA  . PRO A 1 75 ? -7.328  2.115   -14.938 1.00 10.94 ? 75  PRO A CA  1 
ATOM   588 C C   . PRO A 1 75 ? -7.571  3.505   -14.378 1.00 16.13 ? 75  PRO A C   1 
ATOM   589 O O   . PRO A 1 75 ? -8.362  3.690   -13.436 1.00 10.98 ? 75  PRO A O   1 
ATOM   590 C CB  . PRO A 1 75 ? -8.323  1.773   -16.078 1.00 10.18 ? 75  PRO A CB  1 
ATOM   591 C CG  . PRO A 1 75 ? -9.548  1.387   -15.265 1.00 13.52 ? 75  PRO A CG  1 
ATOM   592 C CD  . PRO A 1 75 ? -8.946  0.491   -14.176 1.00 11.43 ? 75  PRO A CD  1 
ATOM   593 N N   . ARG A 1 76 ? -6.900  4.488   -14.968 1.00 9.80  ? 76  ARG A N   1 
ATOM   594 C CA  . ARG A 1 76 ? -7.077  5.861   -14.527 1.00 17.06 ? 76  ARG A CA  1 
ATOM   595 C C   . ARG A 1 76 ? -6.768  6.772   -15.694 1.00 15.38 ? 76  ARG A C   1 
ATOM   596 O O   . ARG A 1 76 ? -5.726  6.617   -16.331 1.00 17.32 ? 76  ARG A O   1 
ATOM   597 C CB  . ARG A 1 76 ? -6.123  6.210   -13.382 1.00 16.11 ? 76  ARG A CB  1 
ATOM   598 C CG  . ARG A 1 76 ? -6.301  7.626   -12.865 1.00 25.27 ? 76  ARG A CG  1 
ATOM   599 C CD  . ARG A 1 76 ? -5.553  7.851   -11.557 1.00 27.78 ? 76  ARG A CD  1 
ATOM   600 N NE  . ARG A 1 76 ? -5.593  9.239   -11.091 1.00 41.21 ? 76  ARG A NE  1 
ATOM   601 C CZ  . ARG A 1 76 ? -6.662  9.859   -10.590 1.00 44.96 ? 76  ARG A CZ  1 
ATOM   602 N NH1 . ARG A 1 76 ? -7.827  9.232   -10.481 1.00 44.69 ? 76  ARG A NH1 1 
ATOM   603 N NH2 . ARG A 1 76 ? -6.556  11.112  -10.166 1.00 43.12 ? 76  ARG A NH2 1 
ATOM   604 N N   . ARG A 1 77 ? -7.678  7.692   -15.985 1.00 14.29 ? 77  ARG A N   1 
ATOM   605 C CA  . ARG A 1 77 ? -7.443  8.629   -17.081 1.00 14.38 ? 77  ARG A CA  1 
ATOM   606 C C   . ARG A 1 77 ? -6.152  9.392   -16.767 1.00 13.47 ? 77  ARG A C   1 
ATOM   607 O O   . ARG A 1 77 ? -5.996  9.952   -15.698 1.00 12.07 ? 77  ARG A O   1 
ATOM   608 C CB  . ARG A 1 77 ? -8.627  9.578   -17.204 1.00 15.29 ? 77  ARG A CB  1 
ATOM   609 C CG  . ARG A 1 77 ? -8.826  10.135  -18.603 1.00 22.25 ? 77  ARG A CG  1 
ATOM   610 C CD  . ARG A 1 77 ? -7.742  11.126  -19.035 1.00 16.78 ? 77  ARG A CD  1 
ATOM   611 N NE  . ARG A 1 77 ? -8.353  12.010  -20.007 1.00 18.58 ? 77  ARG A NE  1 
ATOM   612 C CZ  . ARG A 1 77 ? -7.740  12.978  -20.671 1.00 28.20 ? 77  ARG A CZ  1 
ATOM   613 N NH1 . ARG A 1 77 ? -8.438  13.713  -21.531 1.00 19.52 ? 77  ARG A NH1 1 
ATOM   614 N NH2 . ARG A 1 77 ? -6.446  13.203  -20.495 1.00 27.01 ? 77  ARG A NH2 1 
ATOM   615 N N   . ARG A 1 78 ? -5.223  9.396   -17.713 1.00 16.45 ? 78  ARG A N   1 
ATOM   616 C CA  . ARG A 1 78 ? -3.950  10.079  -17.547 1.00 13.04 ? 78  ARG A CA  1 
ATOM   617 C C   . ARG A 1 78 ? -4.102  11.574  -17.803 1.00 14.27 ? 78  ARG A C   1 
ATOM   618 O O   . ARG A 1 78 ? -4.445  11.964  -18.953 1.00 17.57 ? 78  ARG A O   1 
ATOM   619 C CB  . ARG A 1 78 ? -2.918  9.505   -18.518 1.00 22.23 ? 78  ARG A CB  1 
ATOM   620 C CG  . ARG A 1 78 ? -1.481  9.813   -18.154 1.00 32.21 ? 78  ARG A CG  1 
ATOM   621 C CD  . ARG A 1 78 ? -1.083  8.961   -16.964 1.00 36.00 ? 78  ARG A CD  1 
ATOM   622 N NE  . ARG A 1 78 ? 0.027   9.534   -16.228 1.00 46.71 ? 78  ARG A NE  1 
ATOM   623 C CZ  . ARG A 1 78 ? 0.516   9.033   -15.096 1.00 47.59 ? 78  ARG A CZ  1 
ATOM   624 N NH1 . ARG A 1 78 ? -0.006  7.935   -14.566 1.00 57.77 ? 78  ARG A NH1 1 
ATOM   625 N NH2 . ARG A 1 78 ? 1.517   9.650   -14.485 1.00 55.11 ? 78  ARG A NH2 1 
ATOM   626 O OXT . ARG A 1 78 ? -3.841  12.343  -16.860 1.00 19.13 ? 78  ARG A OXT 1 
HETATM 627 O O   . HOH B 2 .  ? 6.051   -7.532  13.143  1.00 13.15 ? 79  HOH A O   1 
HETATM 628 O O   . HOH B 2 .  ? -10.332 7.759   -14.395 1.00 13.56 ? 80  HOH A O   1 
HETATM 629 O O   . HOH B 2 .  ? 0.189   -3.712  -6.660  1.00 14.61 ? 81  HOH A O   1 
HETATM 630 O O   . HOH B 2 .  ? 10.564  4.533   1.984   1.00 14.66 ? 82  HOH A O   1 
HETATM 631 O O   . HOH B 2 .  ? -4.961  -11.243 1.945   1.00 16.82 ? 83  HOH A O   1 
HETATM 632 O O   . HOH B 2 .  ? 3.832   -6.343  16.157  1.00 15.85 ? 84  HOH A O   1 
HETATM 633 O O   . HOH B 2 .  ? 12.001  1.920   3.307   1.00 19.99 ? 85  HOH A O   1 
HETATM 634 O O   . HOH B 2 .  ? 8.767   3.877   -1.930  1.00 18.88 ? 86  HOH A O   1 
HETATM 635 O O   . HOH B 2 .  ? 0.447   4.091   5.425   1.00 34.50 ? 87  HOH A O   1 
HETATM 636 O O   . HOH B 2 .  ? 10.299  -6.607  5.059   1.00 18.06 ? 88  HOH A O   1 
HETATM 637 O O   . HOH B 2 .  ? -10.136 10.238  -4.750  1.00 25.15 ? 89  HOH A O   1 
HETATM 638 O O   . HOH B 2 .  ? -0.796  7.055   -11.351 1.00 25.09 ? 90  HOH A O   1 
HETATM 639 O O   . HOH B 2 .  ? -11.611 -5.540  -5.541  1.00 20.50 ? 91  HOH A O   1 
HETATM 640 O O   . HOH B 2 .  ? 0.020   -6.597  15.113  1.00 34.66 ? 92  HOH A O   1 
HETATM 641 O O   . HOH B 2 .  ? 14.576  2.672   7.046   1.00 28.40 ? 93  HOH A O   1 
HETATM 642 O O   . HOH B 2 .  ? 4.348   -15.639 9.359   1.00 42.88 ? 94  HOH A O   1 
HETATM 643 O O   . HOH B 2 .  ? -5.436  -11.469 -4.691  1.00 30.44 ? 95  HOH A O   1 
HETATM 644 O O   . HOH B 2 .  ? -12.425 8.726   -3.613  1.00 26.95 ? 96  HOH A O   1 
HETATM 645 O O   . HOH B 2 .  ? 5.552   15.959  -1.388  1.00 29.13 ? 97  HOH A O   1 
HETATM 646 O O   . HOH B 2 .  ? 12.088  -10.876 2.266   1.00 41.82 ? 98  HOH A O   1 
HETATM 647 O O   . HOH B 2 .  ? 11.348  -12.057 7.191   1.00 35.56 ? 99  HOH A O   1 
HETATM 648 O O   . HOH B 2 .  ? -3.992  -1.953  -14.026 1.00 30.99 ? 100 HOH A O   1 
HETATM 649 O O   . HOH B 2 .  ? 10.831  -6.462  7.553   1.00 36.04 ? 101 HOH A O   1 
HETATM 650 O O   . HOH B 2 .  ? -13.537 -3.694  -10.039 1.00 38.61 ? 102 HOH A O   1 
HETATM 651 O O   . HOH B 2 .  ? 10.474  7.946   8.942   1.00 27.75 ? 103 HOH A O   1 
HETATM 652 O O   . HOH B 2 .  ? -6.732  -2.075  -13.613 1.00 31.55 ? 104 HOH A O   1 
HETATM 653 O O   . HOH B 2 .  ? 11.090  -8.934  4.667   1.00 37.13 ? 105 HOH A O   1 
HETATM 654 O O   . HOH B 2 .  ? 6.539   11.002  -2.962  1.00 28.44 ? 106 HOH A O   1 
HETATM 655 O O   . HOH B 2 .  ? 10.290  -4.857  -1.706  1.00 25.39 ? 107 HOH A O   1 
HETATM 656 O O   . HOH B 2 .  ? 0.490   -5.561  -9.450  1.00 26.96 ? 108 HOH A O   1 
HETATM 657 O O   . HOH B 2 .  ? -2.128  -5.316  -6.513  1.00 35.89 ? 109 HOH A O   1 
HETATM 658 O O   . HOH B 2 .  ? 10.820  -1.483  -5.381  1.00 31.05 ? 110 HOH A O   1 
HETATM 659 O O   . HOH B 2 .  ? -6.683  5.102   5.274   1.00 41.50 ? 111 HOH A O   1 
HETATM 660 O O   . HOH B 2 .  ? -6.928  -7.399  -6.106  1.00 29.52 ? 112 HOH A O   1 
HETATM 661 O O   . HOH B 2 .  ? -0.558  -14.011 1.113   1.00 34.92 ? 113 HOH A O   1 
HETATM 662 O O   . HOH B 2 .  ? -3.409  7.144   -19.565 1.00 31.32 ? 114 HOH A O   1 
HETATM 663 O O   . HOH B 2 .  ? 6.495   4.514   -4.376  1.00 29.27 ? 115 HOH A O   1 
HETATM 664 O O   . HOH B 2 .  ? -1.670  7.919   -6.362  1.00 27.69 ? 116 HOH A O   1 
HETATM 665 O O   . HOH B 2 .  ? 8.456   -0.987  17.337  1.00 45.03 ? 117 HOH A O   1 
HETATM 666 O O   . HOH B 2 .  ? -16.464 0.715   -5.094  1.00 25.07 ? 118 HOH A O   1 
HETATM 667 O O   . HOH B 2 .  ? -4.144  13.724  -9.015  1.00 33.66 ? 119 HOH A O   1 
HETATM 668 O O   . HOH B 2 .  ? 10.509  -13.155 1.516   1.00 34.82 ? 120 HOH A O   1 
HETATM 669 O O   . HOH B 2 .  ? 1.704   -0.624  -7.925  1.00 40.68 ? 121 HOH A O   1 
HETATM 670 O O   . HOH B 2 .  ? -3.628  -11.822 7.022   1.00 26.94 ? 122 HOH A O   1 
# 
